data_5BR3
#
_entry.id   5BR3
#
_cell.length_a   114.010
_cell.length_b   114.010
_cell.length_c   163.200
_cell.angle_alpha   90.000
_cell.angle_beta   90.000
_cell.angle_gamma   120.000
#
_symmetry.space_group_name_H-M   'P 3'
#
loop_
_entity.id
_entity.type
_entity.pdbx_description
1 polymer 'HEMAGGLUTININ HA1 CHAIN'
2 polymer 'HEMAGGLUTININ HA2 CHAIN'
3 branched 'N-acetyl-alpha-neuraminic acid-(2-3)-beta-D-galactopyranose-(1-3)-2-acetamido-2-deoxy-beta-D-glucopyranose'
4 branched alpha-D-mannopyranose-(1-3)-[alpha-D-mannopyranose-(1-6)]beta-D-mannopyranose-(1-4)-2-acetamido-2-deoxy-beta-D-glucopyranose-(1-4)-[alpha-L-fucopyranose-(1-3)]2-acetamido-2-deoxy-beta-D-glucopyranose
5 branched 'N-acetyl-alpha-neuraminic acid-(2-3)-beta-D-galactopyranose-(1-3)-2-acetamido-2-deoxy-beta-D-glucopyranose-(1-3)-beta-D-galactopyranose'
6 non-polymer 2-acetamido-2-deoxy-beta-D-glucopyranose
7 water water
#
loop_
_entity_poly.entity_id
_entity_poly.type
_entity_poly.pdbx_seq_one_letter_code
_entity_poly.pdbx_strand_id
1 'polypeptide(L)'
;DKICIGYHANNSTTQVDTLLEKNVTVTHSVELLENQKEKRFCKIMNKAPLDLKDCTIEGWILGNPKCDLLLGDQSWSYIV
ERPNAQNGICYPGVLNELEELKAFIGSGERVERFEMFPKSTWAGVDTSRGVTNACPSYTIDSSFYRNLVWIVKTDSATYP
VIKGTYNNTGTQPILYFWGVHHPLDTTVQDNLYGSGDKYVRMGTESMNFAKSPEIAARPAVNGQRSRIDYYWSVLRPGET
LNVESNGNLIAPWYAYKFVSTNKKGAVFKSDLPIENCDATCQTITGVLRTNKTFQNVSPLWIGECPKYVKSESLRLATGL
RNVPQI
;
A,C
2 'polypeptide(L)'
;GIFGAIAGFIEGGWTGMIDGWYGYHHENSQGSGYAADRESTQKAIDGITNKVNSIINKMNTQFEAVDHEFSNLERRIGNL
NKRMEDGFLDVWTYNAELLVLLENERTLDLHDANVKNLYEKVKSQLRDNANDLGNGCFEFWHKCDNECMESVKNGTYDYP
KYQKESKLNRQ
;
B,D
#
loop_
_chem_comp.id
_chem_comp.type
_chem_comp.name
_chem_comp.formula
BMA D-saccharide, beta linking beta-D-mannopyranose 'C6 H12 O6'
FUC L-saccharide, alpha linking alpha-L-fucopyranose 'C6 H12 O5'
GAL D-saccharide, beta linking beta-D-galactopyranose 'C6 H12 O6'
MAN D-saccharide, alpha linking alpha-D-mannopyranose 'C6 H12 O6'
NAG D-saccharide, beta linking 2-acetamido-2-deoxy-beta-D-glucopyranose 'C8 H15 N O6'
SIA D-saccharide, alpha linking 'N-acetyl-alpha-neuraminic acid' 'C11 H19 N O9'
#
# COMPACT_ATOMS: atom_id res chain seq x y z
N ASP A 1 4.39 -3.24 -24.64
CA ASP A 1 4.90 -3.53 -23.30
C ASP A 1 6.05 -2.59 -22.93
N LYS A 2 5.90 -1.93 -21.80
CA LYS A 2 6.82 -0.85 -21.42
C LYS A 2 7.18 -0.86 -19.93
N ILE A 3 8.38 -0.37 -19.62
CA ILE A 3 8.72 -0.03 -18.26
C ILE A 3 9.45 1.32 -18.28
N CYS A 4 9.10 2.19 -17.35
CA CYS A 4 9.71 3.51 -17.27
C CYS A 4 10.33 3.73 -15.90
N ILE A 5 11.41 4.51 -15.87
CA ILE A 5 12.03 4.88 -14.60
C ILE A 5 11.69 6.33 -14.32
N GLY A 6 11.35 6.64 -13.06
CA GLY A 6 10.94 7.98 -12.70
C GLY A 6 11.03 8.28 -11.22
N TYR A 7 10.49 9.42 -10.83
CA TYR A 7 10.66 9.91 -9.47
C TYR A 7 9.38 10.52 -8.90
N HIS A 8 9.33 10.60 -7.57
CA HIS A 8 8.16 11.05 -6.84
C HIS A 8 7.78 12.50 -7.11
N ALA A 9 6.48 12.75 -7.23
CA ALA A 9 5.95 14.10 -7.25
C ALA A 9 4.73 14.15 -6.33
N ASN A 10 4.44 15.33 -5.78
CA ASN A 10 3.27 15.49 -4.93
C ASN A 10 2.73 16.92 -5.05
N ASN A 11 1.85 17.28 -4.11
CA ASN A 11 1.17 18.57 -4.19
C ASN A 11 1.82 19.62 -3.29
N SER A 12 3.06 19.37 -2.89
CA SER A 12 3.80 20.31 -2.05
C SER A 12 4.07 21.62 -2.77
N THR A 13 3.89 22.73 -2.05
CA THR A 13 4.27 24.04 -2.55
C THR A 13 5.38 24.63 -1.70
N THR A 14 5.86 23.83 -0.74
CA THR A 14 6.93 24.25 0.16
C THR A 14 8.24 24.38 -0.60
N GLN A 15 8.95 25.48 -0.38
CA GLN A 15 10.15 25.78 -1.16
C GLN A 15 11.41 25.86 -0.29
N VAL A 16 12.55 25.65 -0.93
CA VAL A 16 13.85 25.82 -0.28
C VAL A 16 14.74 26.66 -1.17
N ASP A 17 15.83 27.15 -0.62
CA ASP A 17 16.84 27.84 -1.41
C ASP A 17 18.12 27.02 -1.46
N THR A 18 18.85 27.14 -2.56
CA THR A 18 20.16 26.51 -2.68
C THR A 18 21.16 27.58 -3.09
N LEU A 19 22.44 27.25 -3.06
CA LEU A 19 23.48 28.16 -3.51
C LEU A 19 23.24 28.56 -4.97
N LEU A 20 22.76 27.62 -5.77
CA LEU A 20 22.55 27.83 -7.19
C LEU A 20 21.18 28.41 -7.54
N GLU A 21 20.19 28.17 -6.68
CA GLU A 21 18.82 28.50 -7.03
C GLU A 21 17.94 28.83 -5.83
N LYS A 22 17.10 29.85 -5.97
CA LYS A 22 16.15 30.23 -4.94
C LYS A 22 14.76 29.72 -5.27
N ASN A 23 13.92 29.59 -4.24
CA ASN A 23 12.53 29.20 -4.40
C ASN A 23 12.36 27.90 -5.18
N VAL A 24 13.01 26.84 -4.73
CA VAL A 24 12.86 25.54 -5.33
C VAL A 24 11.83 24.73 -4.56
N THR A 25 10.73 24.39 -5.22
CA THR A 25 9.69 23.58 -4.60
C THR A 25 10.16 22.13 -4.48
N VAL A 26 10.09 21.57 -3.27
CA VAL A 26 10.54 20.22 -3.03
C VAL A 26 9.43 19.37 -2.41
N THR A 27 9.50 18.07 -2.64
CA THR A 27 8.46 17.15 -2.20
C THR A 27 8.45 16.98 -0.67
N HIS A 28 9.62 17.05 -0.06
CA HIS A 28 9.74 16.92 1.38
C HIS A 28 10.85 17.83 1.92
N SER A 29 10.60 18.44 3.07
CA SER A 29 11.57 19.32 3.70
C SER A 29 11.30 19.46 5.20
N VAL A 30 12.29 19.94 5.94
CA VAL A 30 12.16 20.10 7.38
C VAL A 30 12.63 21.49 7.80
N GLU A 31 11.79 22.17 8.59
CA GLU A 31 12.14 23.48 9.12
C GLU A 31 12.90 23.32 10.43
N LEU A 32 14.12 23.85 10.48
CA LEU A 32 14.98 23.69 11.65
C LEU A 32 14.88 24.86 12.62
N LEU A 33 14.28 25.96 12.20
CA LEU A 33 14.21 27.15 13.03
C LEU A 33 12.83 27.35 13.65
N GLU A 34 12.82 27.70 14.95
CA GLU A 34 11.60 27.99 15.68
C GLU A 34 11.40 29.49 15.88
N ASN A 35 10.30 30.03 15.35
CA ASN A 35 10.01 31.44 15.54
C ASN A 35 8.81 31.72 16.46
N GLN A 36 8.27 30.66 17.06
CA GLN A 36 7.07 30.81 17.89
C GLN A 36 7.39 30.76 19.39
N LYS A 37 6.71 31.59 20.17
CA LYS A 37 6.93 31.65 21.60
C LYS A 37 5.61 31.79 22.37
N GLU A 38 5.59 31.30 23.61
CA GLU A 38 4.50 31.59 24.52
C GLU A 38 4.88 32.81 25.36
N LYS A 39 4.15 33.90 25.17
CA LYS A 39 4.54 35.16 25.79
C LYS A 39 4.17 35.20 27.27
N ARG A 40 5.02 34.57 28.08
CA ARG A 40 4.78 34.38 29.51
C ARG A 40 5.98 33.68 30.15
N PHE A 41 6.03 33.70 31.47
CA PHE A 41 7.07 32.97 32.18
C PHE A 41 6.47 31.74 32.87
N CYS A 42 7.16 30.61 32.74
CA CYS A 42 6.69 29.36 33.34
C CYS A 42 7.75 28.83 34.30
N LYS A 43 7.46 27.69 34.92
CA LYS A 43 8.42 27.06 35.81
C LYS A 43 9.51 26.33 35.02
N ILE A 44 10.69 26.24 35.61
CA ILE A 44 11.80 25.54 34.98
C ILE A 44 12.22 24.40 35.90
N MET A 45 12.06 23.17 35.40
CA MET A 45 12.28 21.96 36.18
C MET A 45 11.36 21.97 37.42
N ASN A 46 10.11 22.35 37.19
CA ASN A 46 9.09 22.44 38.22
C ASN A 46 9.48 23.36 39.38
N LYS A 47 10.35 24.31 39.10
CA LYS A 47 10.71 25.33 40.07
C LYS A 47 10.25 26.69 39.55
N ALA A 48 9.50 27.41 40.39
CA ALA A 48 8.92 28.68 40.00
C ALA A 48 9.95 29.81 40.03
N PRO A 49 9.80 30.79 39.14
CA PRO A 49 10.64 32.00 39.19
C PRO A 49 10.29 32.89 40.38
N LEU A 50 11.16 33.84 40.70
CA LEU A 50 10.86 34.81 41.74
C LEU A 50 10.43 36.15 41.13
N ASP A 51 9.19 36.54 41.38
CA ASP A 51 8.68 37.82 40.90
C ASP A 51 8.98 38.90 41.93
N LEU A 52 9.79 39.88 41.54
CA LEU A 52 10.16 40.98 42.43
C LEU A 52 9.07 42.05 42.43
N LYS A 53 8.17 41.95 41.46
CA LYS A 53 7.03 42.85 41.33
C LYS A 53 7.44 44.32 41.32
N ASP A 54 6.99 45.06 42.33
CA ASP A 54 7.23 46.51 42.37
C ASP A 54 8.53 46.84 43.08
N CYS A 55 9.30 45.81 43.43
CA CYS A 55 10.60 46.01 44.04
C CYS A 55 11.72 45.67 43.07
N THR A 56 12.81 46.43 43.14
CA THR A 56 14.01 46.12 42.36
C THR A 56 14.89 45.16 43.15
N ILE A 57 15.98 44.72 42.53
CA ILE A 57 16.93 43.85 43.20
C ILE A 57 17.46 44.50 44.47
N GLU A 58 17.83 45.78 44.38
CA GLU A 58 18.34 46.51 45.55
C GLU A 58 17.30 46.54 46.65
N GLY A 59 16.08 46.93 46.31
CA GLY A 59 14.99 46.98 47.27
C GLY A 59 14.71 45.66 47.95
N TRP A 60 14.89 44.56 47.22
CA TRP A 60 14.60 43.23 47.73
C TRP A 60 15.59 42.75 48.79
N ILE A 61 16.89 42.72 48.46
CA ILE A 61 17.86 42.15 49.39
C ILE A 61 18.33 43.15 50.44
N LEU A 62 18.07 44.44 50.23
CA LEU A 62 18.35 45.42 51.26
C LEU A 62 17.23 45.42 52.30
N GLY A 63 16.07 44.92 51.89
CA GLY A 63 14.92 44.89 52.78
C GLY A 63 14.17 46.21 52.86
N ASN A 64 13.96 46.85 51.72
CA ASN A 64 13.13 48.04 51.63
C ASN A 64 11.78 47.75 52.29
N PRO A 65 11.34 48.65 53.19
CA PRO A 65 10.14 48.45 54.02
C PRO A 65 8.87 48.16 53.22
N LYS A 66 8.87 48.47 51.94
CA LYS A 66 7.71 48.22 51.08
C LYS A 66 7.85 46.90 50.32
N CYS A 67 8.93 46.18 50.61
CA CYS A 67 9.20 44.90 49.94
C CYS A 67 8.99 43.72 50.88
N ASP A 68 8.24 43.94 51.96
CA ASP A 68 7.99 42.90 52.96
C ASP A 68 7.34 41.64 52.37
N LEU A 69 6.66 41.80 51.23
CA LEU A 69 6.09 40.68 50.50
C LEU A 69 7.16 39.67 50.11
N LEU A 70 8.33 40.18 49.73
CA LEU A 70 9.45 39.34 49.32
C LEU A 70 10.31 38.90 50.50
N LEU A 71 10.16 39.60 51.62
CA LEU A 71 11.04 39.44 52.78
C LEU A 71 11.10 38.00 53.30
N GLY A 72 12.31 37.54 53.60
CA GLY A 72 12.53 36.19 54.10
C GLY A 72 13.16 35.23 53.10
N ASP A 73 12.86 33.94 53.27
CA ASP A 73 13.42 32.90 52.42
C ASP A 73 12.85 32.91 51.01
N GLN A 74 13.70 32.70 50.02
CA GLN A 74 13.25 32.54 48.64
C GLN A 74 13.99 31.43 47.92
N SER A 75 13.26 30.72 47.06
CA SER A 75 13.85 29.78 46.12
C SER A 75 13.38 30.16 44.72
N TRP A 76 14.27 30.05 43.73
CA TRP A 76 13.89 30.44 42.38
C TRP A 76 14.68 29.71 41.29
N SER A 77 14.01 29.43 40.18
CA SER A 77 14.66 28.89 39.00
C SER A 77 15.29 30.03 38.21
N TYR A 78 14.68 31.21 38.31
CA TYR A 78 15.24 32.44 37.77
C TYR A 78 14.50 33.64 38.37
N ILE A 79 15.00 34.85 38.08
CA ILE A 79 14.45 36.05 38.68
C ILE A 79 13.82 36.94 37.62
N VAL A 80 12.60 37.41 37.90
CA VAL A 80 11.92 38.35 37.04
C VAL A 80 11.86 39.73 37.71
N GLU A 81 12.47 40.71 37.08
CA GLU A 81 12.43 42.08 37.59
C GLU A 81 11.59 42.95 36.67
N ARG A 82 10.62 43.67 37.25
CA ARG A 82 9.74 44.51 36.46
C ARG A 82 10.40 45.86 36.16
N PRO A 83 10.28 46.33 34.91
CA PRO A 83 10.96 47.53 34.40
C PRO A 83 10.61 48.83 35.14
N ASN A 84 9.39 48.96 35.64
CA ASN A 84 8.96 50.20 36.27
C ASN A 84 8.96 50.10 37.80
N ALA A 85 9.58 49.04 38.33
CA ALA A 85 9.58 48.77 39.76
C ALA A 85 10.07 49.99 40.55
N GLN A 86 9.27 50.40 41.53
CA GLN A 86 9.49 51.68 42.21
C GLN A 86 10.31 51.55 43.49
N ASN A 87 10.34 50.37 44.09
CA ASN A 87 10.93 50.21 45.42
C ASN A 87 12.36 49.69 45.37
N GLY A 88 13.31 50.62 45.29
CA GLY A 88 14.72 50.29 45.31
C GLY A 88 15.39 50.85 46.56
N ILE A 89 16.50 51.55 46.37
CA ILE A 89 17.14 52.27 47.46
C ILE A 89 16.30 53.50 47.79
N CYS A 90 15.71 53.53 48.97
CA CYS A 90 14.79 54.61 49.35
C CYS A 90 15.53 55.82 49.90
N TYR A 91 16.48 55.57 50.81
CA TYR A 91 17.34 56.64 51.31
C TYR A 91 18.52 56.78 50.36
N PRO A 92 18.64 57.94 49.71
CA PRO A 92 19.57 58.17 48.59
C PRO A 92 21.00 57.75 48.88
N GLY A 93 21.67 57.21 47.88
CA GLY A 93 23.03 56.75 48.01
C GLY A 93 23.39 55.65 47.02
N VAL A 94 24.66 55.27 47.01
CA VAL A 94 25.16 54.29 46.06
C VAL A 94 25.40 52.94 46.72
N LEU A 95 24.83 51.89 46.13
CA LEU A 95 25.16 50.53 46.52
C LEU A 95 26.39 50.09 45.72
N ASN A 96 27.52 49.96 46.41
CA ASN A 96 28.80 49.78 45.73
C ASN A 96 28.98 48.39 45.17
N GLU A 97 29.63 48.32 44.01
CA GLU A 97 29.76 47.07 43.25
C GLU A 97 28.38 46.47 42.98
N LEU A 98 27.48 47.32 42.51
CA LEU A 98 26.11 46.93 42.22
C LEU A 98 26.01 45.85 41.14
N GLU A 99 26.82 45.99 40.11
CA GLU A 99 26.76 45.08 38.96
C GLU A 99 27.32 43.71 39.33
N GLU A 100 28.36 43.69 40.15
CA GLU A 100 28.91 42.43 40.65
C GLU A 100 27.94 41.75 41.62
N LEU A 101 27.22 42.56 42.39
CA LEU A 101 26.21 42.04 43.31
C LEU A 101 25.07 41.36 42.56
N LYS A 102 24.63 42.00 41.47
CA LYS A 102 23.57 41.44 40.63
C LYS A 102 24.01 40.14 39.98
N ALA A 103 25.27 40.10 39.54
CA ALA A 103 25.81 38.89 38.92
C ALA A 103 25.89 37.75 39.93
N PHE A 104 26.25 38.09 41.17
CA PHE A 104 26.35 37.09 42.23
C PHE A 104 24.98 36.52 42.59
N ILE A 105 24.02 37.40 42.84
CA ILE A 105 22.66 36.99 43.19
C ILE A 105 22.08 36.10 42.10
N GLY A 106 22.33 36.47 40.85
CA GLY A 106 21.88 35.68 39.71
C GLY A 106 22.40 34.26 39.68
N SER A 107 23.57 34.04 40.30
CA SER A 107 24.20 32.72 40.31
C SER A 107 23.66 31.86 41.44
N GLY A 108 22.65 32.34 42.14
CA GLY A 108 22.03 31.60 43.23
C GLY A 108 20.67 31.05 42.91
N GLU A 109 20.22 30.08 43.71
CA GLU A 109 18.89 29.51 43.53
C GLU A 109 18.06 29.65 44.81
N ARG A 110 18.71 29.99 45.91
CA ARG A 110 18.02 30.12 47.19
C ARG A 110 18.75 31.03 48.18
N VAL A 111 17.98 31.83 48.92
CA VAL A 111 18.51 32.60 50.03
C VAL A 111 17.70 32.28 51.29
N GLU A 112 18.37 32.23 52.43
CA GLU A 112 17.71 32.02 53.71
C GLU A 112 18.02 33.17 54.66
N ARG A 113 17.00 33.93 55.01
CA ARG A 113 17.18 35.10 55.87
C ARG A 113 17.28 34.70 57.33
N PHE A 114 18.32 35.20 57.99
CA PHE A 114 18.52 34.96 59.42
C PHE A 114 19.04 36.24 60.06
N GLU A 115 19.01 36.31 61.39
CA GLU A 115 19.53 37.47 62.10
C GLU A 115 21.02 37.29 62.37
N MET A 116 21.82 38.14 61.76
CA MET A 116 23.27 38.02 61.85
C MET A 116 23.81 38.78 63.07
N PHE A 117 23.31 40.00 63.25
CA PHE A 117 23.67 40.82 64.41
C PHE A 117 22.42 41.38 65.07
N PRO A 118 21.99 40.79 66.19
CA PRO A 118 20.88 41.36 66.94
C PRO A 118 21.27 42.72 67.52
N LYS A 119 20.29 43.60 67.74
CA LYS A 119 20.56 44.96 68.19
C LYS A 119 21.29 45.00 69.54
N SER A 120 21.17 43.91 70.30
CA SER A 120 21.92 43.76 71.55
C SER A 120 23.44 43.83 71.36
N THR A 121 23.90 43.58 70.13
CA THR A 121 25.33 43.55 69.84
C THR A 121 26.03 44.90 70.04
N TRP A 122 25.27 45.98 69.88
CA TRP A 122 25.84 47.32 69.93
C TRP A 122 25.55 47.95 71.30
N ALA A 123 26.55 47.92 72.17
CA ALA A 123 26.36 48.11 73.60
C ALA A 123 25.91 49.50 74.05
N GLY A 124 26.71 50.52 73.76
CA GLY A 124 26.51 51.83 74.35
C GLY A 124 25.83 52.87 73.49
N VAL A 125 24.92 52.43 72.63
CA VAL A 125 24.34 53.31 71.62
C VAL A 125 22.87 52.95 71.37
N ASP A 126 22.16 53.78 70.62
CA ASP A 126 20.72 53.61 70.41
C ASP A 126 20.37 53.01 69.05
N THR A 127 19.63 51.91 69.08
CA THR A 127 19.14 51.24 67.87
C THR A 127 17.67 51.51 67.60
N SER A 128 17.04 52.30 68.49
CA SER A 128 15.62 52.60 68.40
C SER A 128 15.19 53.58 67.29
N ARG A 129 16.05 54.56 66.97
CA ARG A 129 15.63 55.70 66.16
C ARG A 129 16.03 55.68 64.68
N GLY A 130 16.49 54.55 64.17
CA GLY A 130 16.96 54.52 62.80
C GLY A 130 15.84 54.46 61.79
N VAL A 131 15.12 55.57 61.62
CA VAL A 131 14.03 55.63 60.66
C VAL A 131 14.11 56.93 59.86
N THR A 132 13.44 56.96 58.72
CA THR A 132 13.42 58.14 57.88
C THR A 132 12.18 58.13 56.96
N ASN A 133 11.65 59.31 56.68
CA ASN A 133 10.47 59.42 55.83
C ASN A 133 10.85 59.22 54.37
N ALA A 134 12.15 59.13 54.11
CA ALA A 134 12.64 58.77 52.78
C ALA A 134 12.37 57.29 52.53
N CYS A 135 12.24 56.53 53.61
CA CYS A 135 11.97 55.10 53.53
C CYS A 135 10.67 54.74 54.23
N PRO A 136 9.53 55.13 53.65
CA PRO A 136 8.25 54.81 54.30
C PRO A 136 7.86 53.35 54.19
N SER A 137 7.31 52.80 55.26
CA SER A 137 6.65 51.50 55.19
C SER A 137 5.28 51.73 54.57
N TYR A 138 4.54 50.65 54.33
CA TYR A 138 3.15 50.80 53.87
C TYR A 138 2.27 51.44 54.93
N THR A 139 2.37 50.96 56.17
CA THR A 139 1.50 51.44 57.23
C THR A 139 2.02 52.66 57.99
N ILE A 140 3.32 52.92 57.92
CA ILE A 140 3.90 54.05 58.65
C ILE A 140 4.77 54.90 57.74
N ASP A 141 4.89 56.18 58.08
CA ASP A 141 5.55 57.17 57.23
C ASP A 141 7.08 57.11 57.26
N SER A 142 7.65 56.67 58.39
CA SER A 142 9.10 56.67 58.53
C SER A 142 9.61 55.34 59.05
N SER A 143 10.40 54.66 58.22
CA SER A 143 10.90 53.32 58.53
C SER A 143 12.30 53.17 58.00
N PHE A 144 12.77 51.93 57.88
CA PHE A 144 14.12 51.67 57.39
C PHE A 144 14.24 50.25 56.86
N TYR A 145 15.34 49.99 56.16
CA TYR A 145 15.64 48.67 55.61
C TYR A 145 15.57 47.60 56.70
N ARG A 146 14.89 46.51 56.40
CA ARG A 146 14.66 45.44 57.37
C ARG A 146 15.96 44.72 57.73
N ASN A 147 16.96 44.83 56.87
CA ASN A 147 18.21 44.11 57.06
C ASN A 147 19.31 45.00 57.66
N LEU A 148 19.00 46.27 57.85
CA LEU A 148 19.98 47.22 58.37
C LEU A 148 19.47 47.95 59.61
N VAL A 149 20.40 48.45 60.42
CA VAL A 149 20.06 49.27 61.57
C VAL A 149 20.83 50.59 61.52
N TRP A 150 20.09 51.69 61.37
CA TRP A 150 20.68 53.02 61.44
C TRP A 150 20.90 53.36 62.91
N ILE A 151 22.16 53.48 63.29
CA ILE A 151 22.51 53.65 64.69
C ILE A 151 22.89 55.10 65.01
N VAL A 152 22.18 55.69 65.96
CA VAL A 152 22.51 57.03 66.44
C VAL A 152 22.78 56.98 67.94
N LYS A 153 23.24 58.10 68.49
CA LYS A 153 23.59 58.18 69.91
C LYS A 153 22.36 58.08 70.81
N THR A 154 22.59 57.63 72.04
CA THR A 154 21.57 57.68 73.08
C THR A 154 21.27 59.16 73.33
N ASP A 155 20.08 59.45 73.85
CA ASP A 155 19.52 60.81 73.87
C ASP A 155 20.53 61.90 74.26
N SER A 156 21.27 61.67 75.34
CA SER A 156 22.39 62.55 75.68
C SER A 156 23.63 61.76 76.07
N ALA A 157 24.65 61.78 75.21
CA ALA A 157 25.90 61.07 75.42
C ALA A 157 26.86 61.33 74.26
N THR A 158 28.03 60.71 74.32
CA THR A 158 28.97 60.73 73.19
C THR A 158 29.13 59.32 72.62
N TYR A 159 29.14 59.24 71.29
CA TYR A 159 29.21 57.98 70.58
C TYR A 159 30.49 57.22 70.88
N PRO A 160 30.37 56.03 71.50
CA PRO A 160 31.54 55.23 71.87
C PRO A 160 31.95 54.25 70.78
N VAL A 161 33.02 53.51 71.02
CA VAL A 161 33.44 52.47 70.09
C VAL A 161 32.56 51.25 70.29
N ILE A 162 31.83 50.86 69.26
CA ILE A 162 30.97 49.69 69.33
C ILE A 162 31.61 48.56 68.55
N LYS A 163 31.40 47.33 69.02
CA LYS A 163 32.01 46.17 68.39
C LYS A 163 31.03 45.01 68.27
N GLY A 164 31.16 44.27 67.18
CA GLY A 164 30.34 43.09 66.94
C GLY A 164 31.13 42.06 66.15
N THR A 165 30.80 40.79 66.35
CA THR A 165 31.49 39.73 65.65
C THR A 165 30.54 38.57 65.32
N TYR A 166 30.75 37.97 64.15
CA TYR A 166 29.98 36.80 63.76
C TYR A 166 30.89 35.74 63.15
N ASN A 167 30.83 34.55 63.71
CA ASN A 167 31.59 33.40 63.23
C ASN A 167 30.68 32.55 62.37
N ASN A 168 31.06 32.36 61.11
CA ASN A 168 30.24 31.58 60.19
C ASN A 168 30.59 30.10 60.35
N THR A 169 29.76 29.38 61.09
CA THR A 169 30.06 28.00 61.45
C THR A 169 29.28 27.03 60.57
N GLY A 170 28.47 27.57 59.66
CA GLY A 170 27.68 26.76 58.76
C GLY A 170 28.42 26.41 57.48
N THR A 171 27.75 25.69 56.58
CA THR A 171 28.38 25.20 55.36
C THR A 171 28.10 26.10 54.16
N GLN A 172 27.36 27.17 54.38
CA GLN A 172 26.96 28.05 53.28
C GLN A 172 27.55 29.45 53.43
N PRO A 173 27.88 30.09 52.29
CA PRO A 173 28.33 31.48 52.30
C PRO A 173 27.21 32.42 52.77
N ILE A 174 27.59 33.57 53.32
CA ILE A 174 26.59 34.51 53.83
C ILE A 174 26.69 35.86 53.14
N LEU A 175 25.61 36.24 52.45
CA LEU A 175 25.51 37.56 51.85
C LEU A 175 24.97 38.57 52.86
N TYR A 176 25.77 39.57 53.21
CA TYR A 176 25.35 40.58 54.17
C TYR A 176 25.61 42.00 53.66
N PHE A 177 24.95 42.97 54.27
CA PHE A 177 25.05 44.36 53.86
C PHE A 177 25.35 45.29 55.03
N TRP A 178 26.00 46.41 54.75
CA TRP A 178 26.20 47.46 55.75
C TRP A 178 26.35 48.80 55.05
N GLY A 179 26.48 49.87 55.83
CA GLY A 179 26.54 51.20 55.25
C GLY A 179 27.30 52.23 56.06
N VAL A 180 27.61 53.35 55.40
CA VAL A 180 28.23 54.50 56.06
C VAL A 180 27.41 55.74 55.74
N HIS A 181 26.98 56.45 56.78
CA HIS A 181 26.16 57.63 56.59
C HIS A 181 27.01 58.88 56.39
N HIS A 182 26.59 59.73 55.44
CA HIS A 182 27.28 60.97 55.15
C HIS A 182 26.34 62.16 55.28
N PRO A 183 26.29 62.77 56.49
CA PRO A 183 25.43 63.94 56.74
C PRO A 183 25.76 65.12 55.82
N LEU A 184 24.75 65.95 55.54
CA LEU A 184 24.92 67.08 54.64
C LEU A 184 25.75 68.21 55.26
N ASP A 185 25.67 68.36 56.58
CA ASP A 185 26.48 69.36 57.28
C ASP A 185 27.03 68.82 58.61
N THR A 186 27.95 69.56 59.20
CA THR A 186 28.60 69.14 60.44
C THR A 186 27.61 69.14 61.61
N THR A 187 26.55 69.92 61.49
CA THR A 187 25.52 69.99 62.52
C THR A 187 24.82 68.64 62.68
N VAL A 188 24.35 68.08 61.56
CA VAL A 188 23.67 66.79 61.57
C VAL A 188 24.62 65.70 62.07
N GLN A 189 25.88 65.81 61.66
CA GLN A 189 26.93 64.90 62.13
C GLN A 189 27.03 64.93 63.66
N ASP A 190 27.18 66.13 64.20
CA ASP A 190 27.34 66.32 65.64
C ASP A 190 26.06 65.93 66.37
N ASN A 191 24.92 66.24 65.76
CA ASN A 191 23.63 65.88 66.32
C ASN A 191 23.47 64.37 66.50
N LEU A 192 23.80 63.62 65.45
CA LEU A 192 23.54 62.18 65.44
C LEU A 192 24.63 61.33 66.04
N TYR A 193 25.87 61.69 65.75
CA TYR A 193 27.00 60.85 66.11
C TYR A 193 27.97 61.56 67.05
N GLY A 194 27.70 62.83 67.35
CA GLY A 194 28.57 63.60 68.21
C GLY A 194 29.78 64.16 67.48
N SER A 195 30.82 64.49 68.22
CA SER A 195 31.98 65.17 67.67
C SER A 195 33.21 64.26 67.64
N GLY A 196 34.19 64.64 66.83
CA GLY A 196 35.40 63.86 66.69
C GLY A 196 35.43 63.07 65.39
N ASP A 197 36.63 62.62 65.01
CA ASP A 197 36.79 61.82 63.80
C ASP A 197 36.08 60.48 63.94
N LYS A 198 35.26 60.15 62.95
CA LYS A 198 34.49 58.91 62.98
C LYS A 198 34.97 57.93 61.92
N TYR A 199 34.83 56.64 62.22
CA TYR A 199 35.26 55.59 61.30
C TYR A 199 34.32 54.40 61.33
N VAL A 200 34.28 53.67 60.21
CA VAL A 200 33.60 52.39 60.15
C VAL A 200 34.59 51.38 59.59
N ARG A 201 35.01 50.43 60.42
CA ARG A 201 36.00 49.45 59.98
C ARG A 201 35.53 48.02 60.18
N MET A 202 35.66 47.23 59.13
CA MET A 202 35.21 45.84 59.14
C MET A 202 36.25 44.95 58.50
N GLY A 203 36.38 43.74 59.01
CA GLY A 203 37.40 42.83 58.51
C GLY A 203 37.12 41.36 58.74
N THR A 204 37.63 40.55 57.82
CA THR A 204 37.57 39.10 57.94
C THR A 204 38.97 38.56 57.65
N GLU A 205 39.06 37.24 57.49
CA GLU A 205 40.33 36.63 57.09
C GLU A 205 40.75 37.10 55.70
N SER A 206 39.78 37.33 54.83
CA SER A 206 40.08 37.70 53.44
C SER A 206 39.67 39.13 53.05
N MET A 207 39.04 39.87 53.95
CA MET A 207 38.56 41.20 53.60
C MET A 207 38.91 42.27 54.64
N ASN A 208 39.29 43.46 54.15
CA ASN A 208 39.44 44.64 55.00
C ASN A 208 38.55 45.77 54.48
N PHE A 209 37.92 46.50 55.40
CA PHE A 209 37.11 47.65 55.02
C PHE A 209 37.33 48.81 55.99
N ALA A 210 37.48 50.01 55.45
CA ALA A 210 37.62 51.20 56.27
C ALA A 210 37.06 52.42 55.56
N LYS A 211 36.11 53.11 56.19
CA LYS A 211 35.51 54.30 55.61
C LYS A 211 35.24 55.37 56.66
N SER A 212 35.44 56.63 56.28
CA SER A 212 35.11 57.75 57.14
C SER A 212 33.99 58.58 56.49
N PRO A 213 33.16 59.23 57.31
CA PRO A 213 32.09 60.06 56.74
C PRO A 213 32.61 61.23 55.91
N GLU A 214 31.95 61.49 54.80
CA GLU A 214 32.32 62.58 53.90
C GLU A 214 31.17 63.57 53.83
N ILE A 215 31.30 64.67 54.57
CA ILE A 215 30.21 65.59 54.81
C ILE A 215 30.12 66.69 53.75
N ALA A 216 28.96 66.79 53.10
CA ALA A 216 28.71 67.79 52.07
C ALA A 216 27.24 67.79 51.67
N ALA A 217 26.77 68.90 51.12
CA ALA A 217 25.36 69.04 50.74
C ALA A 217 25.16 68.72 49.26
N ARG A 218 24.56 67.56 49.02
CA ARG A 218 24.29 67.09 47.66
C ARG A 218 22.81 67.31 47.33
N PRO A 219 22.46 67.34 46.03
CA PRO A 219 21.07 67.60 45.65
C PRO A 219 20.06 66.68 46.34
N ALA A 220 18.87 67.21 46.61
CA ALA A 220 17.88 66.48 47.38
C ALA A 220 17.26 65.34 46.57
N VAL A 221 17.28 64.15 47.16
CA VAL A 221 16.64 62.99 46.56
C VAL A 221 15.79 62.32 47.63
N ASN A 222 14.50 62.12 47.34
CA ASN A 222 13.54 61.65 48.31
C ASN A 222 13.57 62.50 49.58
N GLY A 223 13.71 63.81 49.39
CA GLY A 223 13.73 64.75 50.50
C GLY A 223 15.00 64.75 51.34
N GLN A 224 16.07 64.15 50.82
CA GLN A 224 17.32 64.03 51.56
C GLN A 224 18.51 64.58 50.80
N ARG A 225 19.28 65.45 51.44
CA ARG A 225 20.50 65.97 50.86
C ARG A 225 21.72 65.25 51.43
N SER A 226 21.46 64.32 52.35
CA SER A 226 22.50 63.44 52.86
C SER A 226 22.55 62.17 52.03
N ARG A 227 23.53 61.31 52.32
CA ARG A 227 23.70 60.07 51.56
C ARG A 227 24.13 58.91 52.46
N ILE A 228 23.86 57.70 51.99
CA ILE A 228 24.41 56.50 52.60
C ILE A 228 25.22 55.75 51.55
N ASP A 229 26.43 55.33 51.91
CA ASP A 229 27.19 54.43 51.07
C ASP A 229 26.91 53.01 51.48
N TYR A 230 26.14 52.29 50.65
CA TYR A 230 25.79 50.91 50.93
C TYR A 230 26.89 49.98 50.42
N TYR A 231 27.16 48.93 51.19
CA TYR A 231 28.16 47.94 50.79
C TYR A 231 27.62 46.54 50.96
N TRP A 232 28.23 45.60 50.27
CA TRP A 232 27.88 44.19 50.41
C TRP A 232 29.14 43.35 50.37
N SER A 233 29.05 42.15 50.91
CA SER A 233 30.16 41.22 50.89
C SER A 233 29.63 39.81 51.13
N VAL A 234 30.50 38.82 51.00
CA VAL A 234 30.10 37.44 51.21
C VAL A 234 31.03 36.80 52.24
N LEU A 235 30.47 36.40 53.37
CA LEU A 235 31.24 35.75 54.42
C LEU A 235 31.29 34.26 54.14
N ARG A 236 32.49 33.77 53.80
CA ARG A 236 32.67 32.38 53.42
C ARG A 236 32.52 31.47 54.63
N PRO A 237 32.18 30.19 54.40
CA PRO A 237 32.12 29.23 55.50
C PRO A 237 33.44 29.13 56.25
N GLY A 238 33.39 29.23 57.58
CA GLY A 238 34.58 29.18 58.40
C GLY A 238 35.17 30.55 58.71
N GLU A 239 34.78 31.55 57.94
CA GLU A 239 35.28 32.91 58.15
C GLU A 239 34.52 33.63 59.25
N THR A 240 35.18 34.63 59.84
CA THR A 240 34.57 35.45 60.88
C THR A 240 34.62 36.93 60.50
N LEU A 241 33.54 37.65 60.77
CA LEU A 241 33.50 39.09 60.53
C LEU A 241 33.61 39.88 61.84
N ASN A 242 34.47 40.89 61.84
CA ASN A 242 34.58 41.79 62.98
C ASN A 242 34.13 43.21 62.60
N VAL A 243 33.17 43.73 63.35
CA VAL A 243 32.64 45.08 63.11
C VAL A 243 33.16 46.05 64.17
N GLU A 244 33.75 47.15 63.73
CA GLU A 244 34.24 48.18 64.65
C GLU A 244 33.98 49.59 64.12
N SER A 245 33.22 50.37 64.88
CA SER A 245 32.92 51.74 64.50
C SER A 245 32.67 52.63 65.72
N ASN A 246 33.02 53.90 65.61
CA ASN A 246 32.71 54.88 66.64
C ASN A 246 31.64 55.86 66.14
N GLY A 247 31.01 55.53 65.03
CA GLY A 247 29.92 56.34 64.50
C GLY A 247 29.64 56.17 63.02
N ASN A 248 28.53 56.76 62.57
CA ASN A 248 28.13 56.77 61.16
C ASN A 248 27.91 55.38 60.57
N LEU A 249 27.64 54.40 61.42
CA LEU A 249 27.48 53.02 60.96
C LEU A 249 26.03 52.63 60.74
N ILE A 250 25.71 52.23 59.50
CA ILE A 250 24.49 51.49 59.22
C ILE A 250 24.84 50.02 59.35
N ALA A 251 24.43 49.41 60.45
CA ALA A 251 24.94 48.09 60.81
C ALA A 251 24.19 46.95 60.15
N PRO A 252 24.90 45.85 59.87
CA PRO A 252 24.24 44.62 59.41
C PRO A 252 23.35 44.04 60.49
N TRP A 253 22.10 43.74 60.15
CA TRP A 253 21.15 43.22 61.12
C TRP A 253 20.73 41.81 60.71
N TYR A 254 20.06 41.71 59.58
CA TYR A 254 19.76 40.42 58.98
C TYR A 254 20.62 40.17 57.74
N ALA A 255 20.97 38.90 57.51
CA ALA A 255 21.75 38.50 56.36
C ALA A 255 21.12 37.29 55.68
N TYR A 256 21.80 36.73 54.69
CA TYR A 256 21.26 35.61 53.92
C TYR A 256 22.22 34.42 53.82
N LYS A 257 21.71 33.24 54.13
CA LYS A 257 22.41 32.02 53.76
C LYS A 257 22.25 31.85 52.25
N PHE A 258 23.34 31.73 51.53
CA PHE A 258 23.28 31.76 50.06
C PHE A 258 23.59 30.40 49.44
N VAL A 259 22.65 29.90 48.64
CA VAL A 259 22.85 28.64 47.91
C VAL A 259 23.13 28.93 46.44
N SER A 260 24.38 28.70 46.02
CA SER A 260 24.76 28.91 44.63
C SER A 260 24.23 27.80 43.74
N THR A 261 23.82 28.16 42.52
CA THR A 261 23.19 27.19 41.63
C THR A 261 24.23 26.42 40.80
N ASN A 262 23.95 25.14 40.60
CA ASN A 262 24.71 24.31 39.67
C ASN A 262 24.54 24.80 38.24
N LYS A 263 23.29 25.13 37.88
CA LYS A 263 22.92 25.46 36.51
C LYS A 263 23.33 26.86 36.12
N LYS A 264 22.82 27.30 34.98
CA LYS A 264 22.96 28.68 34.53
C LYS A 264 21.96 29.56 35.25
N GLY A 265 22.39 30.72 35.71
CA GLY A 265 21.50 31.64 36.38
C GLY A 265 20.97 32.71 35.44
N ALA A 266 19.80 33.26 35.77
CA ALA A 266 19.19 34.28 34.91
C ALA A 266 18.39 35.30 35.71
N VAL A 267 18.49 36.56 35.28
CA VAL A 267 17.63 37.62 35.78
C VAL A 267 16.97 38.30 34.59
N PHE A 268 15.66 38.09 34.45
CA PHE A 268 14.92 38.64 33.32
C PHE A 268 14.23 39.95 33.68
N LYS A 269 14.49 40.99 32.90
CA LYS A 269 13.83 42.27 33.08
C LYS A 269 12.69 42.38 32.08
N SER A 270 11.47 42.15 32.54
CA SER A 270 10.33 41.98 31.63
C SER A 270 8.99 42.30 32.28
N ASP A 271 8.01 42.61 31.45
CA ASP A 271 6.64 42.87 31.90
C ASP A 271 5.75 41.64 31.71
N LEU A 272 6.32 40.57 31.16
CA LEU A 272 5.55 39.37 30.85
C LEU A 272 4.98 38.71 32.10
N PRO A 273 3.80 38.10 31.97
CA PRO A 273 3.11 37.46 33.10
C PRO A 273 3.69 36.10 33.48
N ILE A 274 3.73 35.81 34.77
CA ILE A 274 4.12 34.50 35.27
C ILE A 274 2.86 33.69 35.51
N GLU A 275 2.71 32.59 34.78
CA GLU A 275 1.50 31.78 34.88
C GLU A 275 1.80 30.42 35.48
N ASN A 276 0.75 29.62 35.67
CA ASN A 276 0.91 28.29 36.23
C ASN A 276 1.16 27.30 35.10
N CYS A 277 2.44 27.01 34.86
CA CYS A 277 2.84 26.23 33.69
C CYS A 277 4.27 25.75 33.82
N ASP A 278 4.60 24.72 33.05
CA ASP A 278 5.95 24.18 33.03
C ASP A 278 6.61 24.45 31.68
N ALA A 279 7.94 24.48 31.67
CA ALA A 279 8.69 24.68 30.45
C ALA A 279 10.09 24.10 30.60
N THR A 280 10.70 23.69 29.49
CA THR A 280 12.08 23.23 29.51
C THR A 280 13.00 24.33 28.98
N CYS A 281 12.41 25.27 28.26
CA CYS A 281 13.16 26.40 27.70
C CYS A 281 12.43 27.71 27.97
N GLN A 282 13.06 28.60 28.73
CA GLN A 282 12.46 29.88 29.07
C GLN A 282 13.28 31.04 28.53
N THR A 283 12.71 31.74 27.56
CA THR A 283 13.32 32.93 26.97
C THR A 283 12.81 34.19 27.69
N ILE A 284 13.63 35.24 27.70
CA ILE A 284 13.25 36.52 28.30
C ILE A 284 11.98 37.09 27.65
N THR A 285 11.73 36.71 26.41
CA THR A 285 10.54 37.19 25.68
C THR A 285 9.45 36.12 25.55
N GLY A 286 9.66 34.96 26.18
CA GLY A 286 8.62 33.95 26.18
C GLY A 286 9.07 32.50 26.29
N VAL A 287 8.11 31.57 26.24
CA VAL A 287 8.41 30.15 26.36
C VAL A 287 8.53 29.51 24.97
N LEU A 288 9.50 28.61 24.81
CA LEU A 288 9.64 27.82 23.59
C LEU A 288 9.35 26.35 23.82
N ARG A 289 8.28 25.85 23.21
CA ARG A 289 8.02 24.41 23.19
C ARG A 289 8.28 23.86 21.81
N THR A 290 9.48 23.33 21.60
CA THR A 290 9.89 22.91 20.27
C THR A 290 11.05 21.90 20.34
N ASN A 291 11.14 21.05 19.33
CA ASN A 291 12.28 20.14 19.22
C ASN A 291 13.23 20.63 18.12
N LYS A 292 12.91 21.78 17.53
CA LYS A 292 13.70 22.34 16.45
C LYS A 292 15.10 22.73 16.94
N THR A 293 16.06 22.73 16.02
CA THR A 293 17.46 22.92 16.38
C THR A 293 17.80 24.40 16.54
N PHE A 294 17.14 25.25 15.76
CA PHE A 294 17.43 26.68 15.78
C PHE A 294 16.26 27.49 16.29
N GLN A 295 16.55 28.71 16.73
CA GLN A 295 15.55 29.62 17.26
C GLN A 295 15.94 31.07 16.97
N ASN A 296 14.95 31.92 16.67
CA ASN A 296 15.24 33.34 16.41
C ASN A 296 14.47 34.26 17.35
N VAL A 297 14.06 33.72 18.50
CA VAL A 297 13.27 34.48 19.46
C VAL A 297 14.14 35.43 20.29
N SER A 298 15.18 34.89 20.92
CA SER A 298 16.10 35.66 21.76
C SER A 298 17.34 34.85 22.18
N PRO A 299 18.49 35.53 22.27
CA PRO A 299 19.73 34.95 22.78
C PRO A 299 19.77 34.82 24.31
N LEU A 300 18.81 35.44 24.99
CA LEU A 300 18.75 35.39 26.45
C LEU A 300 17.72 34.38 26.91
N TRP A 301 18.15 33.36 27.64
CA TRP A 301 17.26 32.30 28.08
C TRP A 301 17.86 31.44 29.19
N ILE A 302 17.03 30.57 29.75
CA ILE A 302 17.46 29.61 30.77
C ILE A 302 16.83 28.26 30.43
N GLY A 303 17.49 27.18 30.83
CA GLY A 303 17.02 25.84 30.49
C GLY A 303 17.59 25.35 29.18
N GLU A 304 17.04 24.26 28.66
CA GLU A 304 17.53 23.69 27.41
C GLU A 304 16.82 24.31 26.22
N CYS A 305 17.50 25.20 25.52
CA CYS A 305 16.92 25.95 24.40
C CYS A 305 17.65 25.69 23.10
N PRO A 306 16.97 25.90 21.96
CA PRO A 306 17.64 25.82 20.66
C PRO A 306 18.63 26.96 20.46
N LYS A 307 19.54 26.81 19.50
CA LYS A 307 20.55 27.82 19.23
C LYS A 307 19.95 29.08 18.59
N TYR A 308 20.31 30.25 19.12
CA TYR A 308 19.80 31.50 18.60
C TYR A 308 20.55 31.97 17.36
N VAL A 309 19.80 32.32 16.32
CA VAL A 309 20.35 32.89 15.10
C VAL A 309 19.44 34.02 14.61
N LYS A 310 19.94 34.81 13.66
CA LYS A 310 19.18 35.94 13.12
C LYS A 310 18.23 35.54 12.00
N SER A 311 18.32 34.28 11.58
CA SER A 311 17.60 33.81 10.40
C SER A 311 16.08 33.82 10.57
N GLU A 312 15.37 34.06 9.47
CA GLU A 312 13.92 33.98 9.45
C GLU A 312 13.49 32.53 9.28
N SER A 313 14.26 31.78 8.49
CA SER A 313 13.94 30.39 8.19
C SER A 313 15.20 29.60 7.88
N LEU A 314 15.24 28.36 8.36
CA LEU A 314 16.32 27.45 8.02
C LEU A 314 15.73 26.11 7.64
N ARG A 315 15.34 25.98 6.38
CA ARG A 315 14.66 24.78 5.91
C ARG A 315 15.57 23.91 5.06
N LEU A 316 15.79 22.69 5.52
CA LEU A 316 16.56 21.70 4.79
C LEU A 316 15.67 20.89 3.85
N ALA A 317 16.10 20.76 2.60
CA ALA A 317 15.46 19.82 1.69
C ALA A 317 15.77 18.40 2.14
N THR A 318 14.75 17.54 2.10
CA THR A 318 14.95 16.13 2.39
C THR A 318 14.50 15.34 1.16
N GLY A 319 13.36 15.73 0.62
CA GLY A 319 12.89 15.17 -0.63
C GLY A 319 13.57 15.78 -1.83
N LEU A 320 13.03 15.52 -3.01
CA LEU A 320 13.62 15.99 -4.26
C LEU A 320 12.81 17.13 -4.87
N ARG A 321 13.32 17.67 -5.97
CA ARG A 321 12.64 18.72 -6.72
C ARG A 321 11.24 18.26 -7.15
N ASN A 322 10.23 19.05 -6.81
CA ASN A 322 8.85 18.67 -7.07
C ASN A 322 8.42 19.13 -8.47
N VAL A 323 8.29 18.18 -9.39
CA VAL A 323 7.90 18.50 -10.76
C VAL A 323 6.66 17.68 -11.15
N PRO A 324 5.50 18.06 -10.61
CA PRO A 324 4.27 17.31 -10.93
C PRO A 324 3.73 17.57 -12.32
N GLN A 325 3.17 16.52 -12.93
CA GLN A 325 2.64 16.60 -14.30
C GLN A 325 1.12 16.45 -14.22
N ILE A 326 0.36 17.06 -15.12
CA ILE A 326 0.86 17.80 -16.28
C ILE A 326 1.46 19.15 -15.92
N GLY B 1 19.72 19.96 -14.25
CA GLY B 1 20.30 19.20 -13.16
C GLY B 1 21.71 18.69 -13.45
N ILE B 2 22.48 18.48 -12.39
CA ILE B 2 23.88 18.09 -12.50
C ILE B 2 24.02 16.70 -13.12
N PHE B 3 23.09 15.80 -12.81
CA PHE B 3 23.13 14.46 -13.38
C PHE B 3 22.11 14.31 -14.51
N GLY B 4 21.39 15.39 -14.78
CA GLY B 4 20.56 15.48 -15.97
C GLY B 4 19.31 14.62 -16.04
N ALA B 5 18.90 14.04 -14.92
CA ALA B 5 17.73 13.15 -14.92
C ALA B 5 16.47 13.88 -14.44
N ILE B 6 16.45 14.28 -13.17
CA ILE B 6 15.31 15.01 -12.63
C ILE B 6 15.19 16.36 -13.32
N ALA B 7 13.99 16.64 -13.82
CA ALA B 7 13.75 17.81 -14.68
C ALA B 7 14.74 17.83 -15.85
N GLY B 8 15.17 16.64 -16.26
CA GLY B 8 16.09 16.45 -17.36
C GLY B 8 15.48 15.62 -18.47
N PHE B 9 16.16 14.56 -18.87
CA PHE B 9 15.61 13.67 -19.90
C PHE B 9 14.37 12.96 -19.39
N ILE B 10 14.20 12.92 -18.07
CA ILE B 10 12.91 12.57 -17.48
C ILE B 10 12.27 13.88 -17.02
N GLU B 11 11.39 14.40 -17.86
CA GLU B 11 10.90 15.78 -17.74
C GLU B 11 10.21 16.11 -16.41
N GLY B 12 9.49 15.15 -15.85
CA GLY B 12 8.72 15.41 -14.65
C GLY B 12 8.56 14.23 -13.72
N GLY B 13 7.94 14.48 -12.57
CA GLY B 13 7.72 13.44 -11.58
C GLY B 13 6.36 12.77 -11.70
N TRP B 14 6.16 11.72 -10.92
CA TRP B 14 4.90 10.98 -10.93
C TRP B 14 4.15 11.18 -9.62
N THR B 15 3.04 11.92 -9.69
CA THR B 15 2.14 12.04 -8.55
C THR B 15 1.49 10.70 -8.25
N GLY B 16 1.41 9.85 -9.27
CA GLY B 16 0.82 8.54 -9.13
C GLY B 16 1.63 7.54 -8.31
N MET B 17 2.92 7.81 -8.15
CA MET B 17 3.79 6.96 -7.35
C MET B 17 3.98 7.59 -5.97
N ILE B 18 3.27 7.07 -4.98
CA ILE B 18 3.19 7.72 -3.67
C ILE B 18 3.98 6.98 -2.58
N ASP B 19 4.51 5.81 -2.91
CA ASP B 19 5.14 4.97 -1.90
C ASP B 19 6.67 5.03 -1.90
N GLY B 20 7.24 5.88 -2.74
CA GLY B 20 8.68 6.01 -2.79
C GLY B 20 9.20 7.22 -3.55
N TRP B 21 10.47 7.54 -3.33
CA TRP B 21 11.11 8.65 -4.03
C TRP B 21 11.46 8.29 -5.47
N TYR B 22 11.87 7.03 -5.68
CA TYR B 22 12.25 6.56 -7.01
C TYR B 22 11.53 5.25 -7.29
N GLY B 23 11.25 4.99 -8.57
CA GLY B 23 10.56 3.75 -8.92
C GLY B 23 10.26 3.58 -10.39
N TYR B 24 9.22 2.80 -10.67
CA TYR B 24 8.91 2.41 -12.03
C TYR B 24 7.44 2.60 -12.39
N HIS B 25 7.18 2.73 -13.69
CA HIS B 25 5.84 2.58 -14.22
C HIS B 25 5.89 1.60 -15.39
N HIS B 26 5.14 0.50 -15.27
CA HIS B 26 5.17 -0.53 -16.29
C HIS B 26 3.85 -0.62 -17.04
N GLU B 27 3.92 -1.14 -18.27
CA GLU B 27 2.76 -1.40 -19.09
C GLU B 27 2.86 -2.77 -19.73
N ASN B 28 1.85 -3.60 -19.52
CA ASN B 28 1.75 -4.88 -20.21
C ASN B 28 0.29 -5.33 -20.34
N SER B 29 0.09 -6.59 -20.71
CA SER B 29 -1.25 -7.11 -20.96
C SER B 29 -2.12 -7.08 -19.71
N GLN B 30 -1.50 -7.15 -18.53
CA GLN B 30 -2.23 -7.11 -17.27
C GLN B 30 -2.52 -5.68 -16.83
N GLY B 31 -2.17 -4.71 -17.68
CA GLY B 31 -2.41 -3.31 -17.37
C GLY B 31 -1.16 -2.53 -16.98
N SER B 32 -1.38 -1.42 -16.28
CA SER B 32 -0.29 -0.53 -15.91
C SER B 32 -0.33 -0.17 -14.44
N GLY B 33 0.82 0.16 -13.87
CA GLY B 33 0.89 0.58 -12.48
C GLY B 33 2.21 1.21 -12.07
N TYR B 34 2.20 1.88 -10.93
CA TYR B 34 3.42 2.46 -10.37
C TYR B 34 3.99 1.55 -9.29
N ALA B 35 5.32 1.52 -9.20
CA ALA B 35 5.98 0.78 -8.13
C ALA B 35 7.28 1.46 -7.74
N ALA B 36 7.44 1.71 -6.44
CA ALA B 36 8.67 2.32 -5.94
C ALA B 36 9.79 1.29 -5.91
N ASP B 37 10.99 1.72 -6.27
CA ASP B 37 12.16 0.89 -6.05
C ASP B 37 12.51 0.99 -4.58
N ARG B 38 12.35 -0.12 -3.86
CA ARG B 38 12.44 -0.11 -2.41
C ARG B 38 13.87 0.09 -1.93
N GLU B 39 14.82 -0.53 -2.63
CA GLU B 39 16.22 -0.49 -2.25
C GLU B 39 16.82 0.91 -2.34
N SER B 40 16.63 1.56 -3.49
CA SER B 40 17.23 2.87 -3.72
C SER B 40 16.54 3.95 -2.88
N THR B 41 15.24 3.80 -2.68
CA THR B 41 14.48 4.75 -1.88
C THR B 41 14.92 4.67 -0.42
N GLN B 42 15.10 3.45 0.09
CA GLN B 42 15.46 3.25 1.49
C GLN B 42 16.89 3.70 1.75
N LYS B 43 17.76 3.45 0.79
CA LYS B 43 19.14 3.91 0.89
C LYS B 43 19.21 5.43 0.97
N ALA B 44 18.36 6.09 0.18
CA ALA B 44 18.30 7.54 0.17
C ALA B 44 17.71 8.09 1.47
N ILE B 45 16.66 7.43 1.96
CA ILE B 45 16.02 7.84 3.20
C ILE B 45 17.01 7.74 4.36
N ASP B 46 17.78 6.67 4.41
CA ASP B 46 18.76 6.48 5.48
C ASP B 46 19.86 7.53 5.41
N GLY B 47 20.34 7.81 4.21
CA GLY B 47 21.36 8.82 3.99
C GLY B 47 20.92 10.21 4.36
N ILE B 48 19.77 10.63 3.83
CA ILE B 48 19.24 11.96 4.09
C ILE B 48 18.93 12.12 5.58
N THR B 49 18.38 11.07 6.20
CA THR B 49 18.10 11.08 7.62
C THR B 49 19.39 11.23 8.42
N ASN B 50 20.42 10.52 7.98
CA ASN B 50 21.73 10.60 8.63
C ASN B 50 22.29 12.02 8.52
N LYS B 51 22.09 12.64 7.36
CA LYS B 51 22.57 14.00 7.13
C LYS B 51 21.87 14.99 8.06
N VAL B 52 20.55 14.90 8.14
CA VAL B 52 19.77 15.77 9.00
C VAL B 52 20.19 15.61 10.45
N ASN B 53 20.25 14.36 10.92
CA ASN B 53 20.66 14.08 12.29
C ASN B 53 22.09 14.55 12.57
N SER B 54 22.95 14.47 11.56
CA SER B 54 24.34 14.90 11.72
C SER B 54 24.42 16.41 11.84
N ILE B 55 23.64 17.12 11.04
CA ILE B 55 23.61 18.58 11.09
C ILE B 55 23.06 19.03 12.43
N ILE B 56 22.00 18.36 12.89
CA ILE B 56 21.39 18.68 14.18
C ILE B 56 22.38 18.45 15.32
N ASN B 57 23.14 17.36 15.24
CA ASN B 57 24.14 17.03 16.27
C ASN B 57 25.30 18.02 16.31
N LYS B 58 25.73 18.53 15.16
CA LYS B 58 26.85 19.47 15.14
C LYS B 58 26.40 20.85 15.61
N MET B 59 25.11 21.11 15.52
CA MET B 59 24.53 22.37 15.96
C MET B 59 24.02 22.28 17.39
N ASN B 60 24.46 21.24 18.10
CA ASN B 60 23.88 20.89 19.41
C ASN B 60 24.51 21.63 20.58
N THR B 61 25.32 22.65 20.30
CA THR B 61 25.85 23.51 21.34
C THR B 61 25.23 24.89 21.21
N GLN B 62 25.21 25.65 22.30
CA GLN B 62 24.65 27.00 22.25
C GLN B 62 25.61 28.00 22.89
N PHE B 63 25.78 29.15 22.24
CA PHE B 63 26.46 30.27 22.86
C PHE B 63 25.45 31.01 23.73
N GLU B 64 25.83 31.32 24.96
CA GLU B 64 24.89 31.93 25.90
C GLU B 64 25.25 33.37 26.22
N ALA B 65 24.38 34.29 25.81
CA ALA B 65 24.50 35.68 26.19
C ALA B 65 24.08 35.83 27.65
N VAL B 66 24.54 36.89 28.30
CA VAL B 66 24.24 37.09 29.71
C VAL B 66 23.47 38.38 29.94
N ASP B 67 22.83 38.47 31.10
CA ASP B 67 22.06 39.65 31.49
C ASP B 67 22.90 40.61 32.33
N HIS B 68 24.21 40.36 32.38
CA HIS B 68 25.12 41.15 33.21
C HIS B 68 25.08 42.63 32.85
N GLU B 69 25.21 43.48 33.86
CA GLU B 69 25.11 44.92 33.67
C GLU B 69 26.48 45.58 33.84
N PHE B 70 26.62 46.77 33.26
CA PHE B 70 27.86 47.52 33.36
C PHE B 70 27.58 48.99 33.65
N SER B 71 28.37 49.55 34.56
CA SER B 71 28.17 50.94 34.98
C SER B 71 28.63 51.93 33.91
N ASN B 72 28.51 53.22 34.21
CA ASN B 72 28.91 54.27 33.29
C ASN B 72 30.42 54.30 33.08
N LEU B 73 31.16 53.77 34.05
CA LEU B 73 32.62 53.73 33.96
C LEU B 73 33.09 52.36 33.48
N GLU B 74 32.16 51.59 32.92
CA GLU B 74 32.50 50.29 32.34
C GLU B 74 32.04 50.19 30.88
N ARG B 75 32.11 51.31 30.17
CA ARG B 75 31.74 51.36 28.76
C ARG B 75 32.56 50.39 27.92
N ARG B 76 33.85 50.27 28.22
CA ARG B 76 34.76 49.45 27.44
C ARG B 76 34.44 47.95 27.56
N ILE B 77 34.36 47.44 28.77
CA ILE B 77 34.08 46.02 28.97
C ILE B 77 32.63 45.72 28.60
N GLY B 78 31.76 46.72 28.76
CA GLY B 78 30.38 46.59 28.32
C GLY B 78 30.30 46.40 26.82
N ASN B 79 31.02 47.23 26.09
CA ASN B 79 31.06 47.16 24.64
C ASN B 79 31.83 45.94 24.17
N LEU B 80 32.78 45.49 24.99
CA LEU B 80 33.53 44.29 24.70
C LEU B 80 32.59 43.08 24.71
N ASN B 81 31.73 43.03 25.72
CA ASN B 81 30.75 41.96 25.84
C ASN B 81 29.77 41.94 24.67
N LYS B 82 29.30 43.13 24.28
CA LYS B 82 28.35 43.24 23.19
C LYS B 82 28.93 42.75 21.87
N ARG B 83 30.14 43.21 21.55
CA ARG B 83 30.79 42.83 20.30
C ARG B 83 31.08 41.33 20.25
N MET B 84 31.42 40.75 21.39
CA MET B 84 31.63 39.31 21.48
C MET B 84 30.35 38.55 21.19
N GLU B 85 29.28 38.88 21.89
CA GLU B 85 28.00 38.19 21.76
C GLU B 85 27.44 38.35 20.34
N ASP B 86 27.52 39.55 19.80
CA ASP B 86 27.15 39.80 18.41
C ASP B 86 28.09 39.05 17.47
N GLY B 87 29.34 38.92 17.87
CA GLY B 87 30.34 38.22 17.08
C GLY B 87 30.00 36.78 16.82
N PHE B 88 29.70 36.04 17.89
CA PHE B 88 29.34 34.62 17.76
C PHE B 88 27.97 34.46 17.11
N LEU B 89 27.09 35.42 17.34
CA LEU B 89 25.77 35.41 16.69
C LEU B 89 25.92 35.48 15.17
N ASP B 90 26.83 36.32 14.69
CA ASP B 90 27.07 36.44 13.26
C ASP B 90 27.73 35.19 12.69
N VAL B 91 28.64 34.60 13.46
CA VAL B 91 29.33 33.39 13.04
C VAL B 91 28.35 32.23 12.87
N TRP B 92 27.49 32.02 13.87
CA TRP B 92 26.57 30.89 13.83
C TRP B 92 25.44 31.08 12.83
N THR B 93 24.97 32.32 12.69
CA THR B 93 23.98 32.64 11.67
C THR B 93 24.55 32.33 10.30
N TYR B 94 25.81 32.70 10.09
CA TYR B 94 26.51 32.39 8.84
C TYR B 94 26.63 30.88 8.66
N ASN B 95 27.12 30.20 9.69
CA ASN B 95 27.30 28.74 9.66
C ASN B 95 26.02 28.02 9.29
N ALA B 96 24.91 28.42 9.91
CA ALA B 96 23.62 27.77 9.67
C ALA B 96 23.12 28.04 8.25
N GLU B 97 23.05 29.32 7.88
CA GLU B 97 22.50 29.71 6.58
C GLU B 97 23.29 29.17 5.40
N LEU B 98 24.62 29.25 5.47
CA LEU B 98 25.46 28.75 4.40
C LEU B 98 25.36 27.23 4.28
N LEU B 99 25.36 26.55 5.42
CA LEU B 99 25.26 25.09 5.43
C LEU B 99 23.97 24.61 4.80
N VAL B 100 22.87 25.30 5.10
CA VAL B 100 21.57 24.95 4.56
C VAL B 100 21.56 25.10 3.03
N LEU B 101 22.09 26.21 2.54
CA LEU B 101 22.14 26.45 1.10
C LEU B 101 23.00 25.42 0.39
N LEU B 102 24.13 25.10 1.00
CA LEU B 102 25.06 24.14 0.42
C LEU B 102 24.48 22.74 0.41
N GLU B 103 23.94 22.31 1.55
CA GLU B 103 23.38 20.97 1.67
C GLU B 103 22.13 20.77 0.81
N ASN B 104 21.32 21.82 0.66
CA ASN B 104 20.12 21.72 -0.17
C ASN B 104 20.50 21.46 -1.63
N GLU B 105 21.54 22.16 -2.10
CA GLU B 105 22.04 21.97 -3.45
C GLU B 105 22.53 20.53 -3.64
N ARG B 106 23.18 20.01 -2.61
CA ARG B 106 23.81 18.70 -2.69
C ARG B 106 22.78 17.58 -2.52
N THR B 107 21.79 17.82 -1.67
CA THR B 107 20.69 16.88 -1.47
C THR B 107 19.92 16.65 -2.77
N LEU B 108 19.61 17.74 -3.46
CA LEU B 108 18.87 17.66 -4.72
C LEU B 108 19.69 16.94 -5.79
N ASP B 109 21.00 17.20 -5.80
CA ASP B 109 21.89 16.50 -6.71
C ASP B 109 21.93 15.00 -6.41
N LEU B 110 21.92 14.66 -5.13
CA LEU B 110 21.87 13.26 -4.69
C LEU B 110 20.68 12.52 -5.30
N HIS B 111 19.51 13.15 -5.23
CA HIS B 111 18.29 12.56 -5.78
C HIS B 111 18.39 12.40 -7.29
N ASP B 112 18.91 13.45 -7.92
CA ASP B 112 19.17 13.44 -9.36
C ASP B 112 20.03 12.26 -9.78
N ALA B 113 21.13 12.05 -9.05
CA ALA B 113 22.06 10.96 -9.34
C ALA B 113 21.40 9.59 -9.14
N ASN B 114 20.55 9.48 -8.12
CA ASN B 114 19.89 8.22 -7.82
C ASN B 114 18.92 7.82 -8.92
N VAL B 115 18.24 8.80 -9.50
CA VAL B 115 17.32 8.56 -10.59
C VAL B 115 18.12 8.11 -11.81
N LYS B 116 19.20 8.82 -12.10
CA LYS B 116 20.08 8.48 -13.20
C LYS B 116 20.63 7.07 -13.07
N ASN B 117 21.07 6.71 -11.86
CA ASN B 117 21.67 5.40 -11.63
C ASN B 117 20.64 4.28 -11.73
N LEU B 118 19.42 4.57 -11.32
CA LEU B 118 18.34 3.60 -11.40
C LEU B 118 18.04 3.32 -12.87
N TYR B 119 17.97 4.39 -13.65
CA TYR B 119 17.79 4.29 -15.10
C TYR B 119 18.90 3.45 -15.75
N GLU B 120 20.15 3.73 -15.36
CA GLU B 120 21.29 2.99 -15.89
C GLU B 120 21.21 1.52 -15.52
N LYS B 121 20.69 1.25 -14.33
CA LYS B 121 20.59 -0.11 -13.82
C LYS B 121 19.66 -0.94 -14.69
N VAL B 122 18.59 -0.30 -15.18
CA VAL B 122 17.61 -0.98 -16.02
C VAL B 122 18.11 -1.11 -17.46
N LYS B 123 18.64 -0.03 -18.00
CA LYS B 123 19.25 -0.01 -19.32
C LYS B 123 20.28 -1.13 -19.50
N SER B 124 21.06 -1.36 -18.45
CA SER B 124 22.12 -2.35 -18.47
C SER B 124 21.60 -3.78 -18.64
N GLN B 125 20.51 -4.12 -17.93
CA GLN B 125 19.95 -5.47 -18.02
C GLN B 125 19.26 -5.70 -19.35
N LEU B 126 18.48 -4.72 -19.81
CA LEU B 126 17.63 -4.88 -20.97
C LEU B 126 18.42 -5.01 -22.27
N ARG B 127 19.50 -4.23 -22.38
CA ARG B 127 20.35 -4.23 -23.57
C ARG B 127 19.53 -3.96 -24.84
N ASP B 128 19.73 -4.77 -25.87
CA ASP B 128 19.01 -4.57 -27.13
C ASP B 128 17.68 -5.32 -27.19
N ASN B 129 17.31 -5.95 -26.08
CA ASN B 129 16.00 -6.59 -25.97
C ASN B 129 14.89 -5.56 -25.76
N ALA B 130 15.27 -4.29 -25.63
CA ALA B 130 14.30 -3.21 -25.46
C ALA B 130 14.73 -1.96 -26.22
N ASN B 131 13.78 -1.08 -26.47
CA ASN B 131 14.05 0.18 -27.16
C ASN B 131 14.00 1.36 -26.20
N ASP B 132 15.08 2.13 -26.15
CA ASP B 132 15.17 3.29 -25.26
C ASP B 132 14.55 4.51 -25.93
N LEU B 133 13.47 5.02 -25.34
CA LEU B 133 12.74 6.14 -25.93
C LEU B 133 13.36 7.48 -25.59
N GLY B 134 14.31 7.49 -24.65
CA GLY B 134 15.00 8.71 -24.28
C GLY B 134 14.35 9.50 -23.15
N ASN B 135 13.15 9.08 -22.74
CA ASN B 135 12.41 9.76 -21.68
C ASN B 135 12.35 8.94 -20.39
N GLY B 136 13.24 7.96 -20.28
CA GLY B 136 13.26 7.06 -19.14
C GLY B 136 12.42 5.82 -19.34
N CYS B 137 11.87 5.68 -20.55
CA CYS B 137 11.00 4.56 -20.86
C CYS B 137 11.65 3.56 -21.83
N PHE B 138 11.40 2.28 -21.60
CA PHE B 138 11.90 1.22 -22.46
C PHE B 138 10.76 0.41 -23.05
N GLU B 139 10.73 0.31 -24.38
CA GLU B 139 9.74 -0.53 -25.06
C GLU B 139 10.35 -1.89 -25.40
N PHE B 140 9.80 -2.94 -24.82
CA PHE B 140 10.31 -4.30 -25.01
C PHE B 140 10.07 -4.81 -26.44
N TRP B 141 11.02 -5.57 -26.95
CA TRP B 141 10.86 -6.27 -28.22
C TRP B 141 10.23 -7.64 -28.01
N HIS B 142 9.83 -7.89 -26.76
CA HIS B 142 9.25 -9.18 -26.39
C HIS B 142 8.15 -8.97 -25.35
N LYS B 143 7.28 -9.96 -25.19
CA LYS B 143 6.23 -9.87 -24.19
C LYS B 143 6.82 -10.03 -22.79
N CYS B 144 6.59 -9.02 -21.96
CA CYS B 144 7.12 -8.99 -20.59
C CYS B 144 5.97 -8.99 -19.60
N ASP B 145 5.68 -10.14 -19.00
CA ASP B 145 4.57 -10.26 -18.06
C ASP B 145 4.95 -9.69 -16.69
N ASN B 146 4.10 -9.93 -15.70
CA ASN B 146 4.31 -9.35 -14.37
C ASN B 146 5.60 -9.82 -13.70
N GLU B 147 5.95 -11.08 -13.89
CA GLU B 147 7.16 -11.62 -13.28
C GLU B 147 8.40 -11.19 -14.06
N CYS B 148 8.23 -11.00 -15.37
CA CYS B 148 9.29 -10.43 -16.19
C CYS B 148 9.58 -9.00 -15.75
N MET B 149 8.51 -8.24 -15.55
CA MET B 149 8.61 -6.87 -15.04
C MET B 149 9.32 -6.84 -13.69
N GLU B 150 8.87 -7.67 -12.77
CA GLU B 150 9.42 -7.70 -11.41
C GLU B 150 10.90 -8.08 -11.41
N SER B 151 11.30 -8.90 -12.38
CA SER B 151 12.70 -9.31 -12.48
C SER B 151 13.58 -8.15 -12.90
N VAL B 152 13.01 -7.23 -13.67
CA VAL B 152 13.71 -6.02 -14.06
C VAL B 152 13.90 -5.13 -12.84
N LYS B 153 12.84 -4.98 -12.05
CA LYS B 153 12.86 -4.10 -10.89
C LYS B 153 13.83 -4.56 -9.81
N ASN B 154 13.98 -5.87 -9.67
CA ASN B 154 14.83 -6.40 -8.61
C ASN B 154 16.17 -6.91 -9.14
N GLY B 155 16.45 -6.63 -10.41
CA GLY B 155 17.76 -6.87 -10.98
C GLY B 155 18.06 -8.25 -11.51
N THR B 156 17.07 -9.12 -11.55
CA THR B 156 17.28 -10.51 -11.98
C THR B 156 16.78 -10.79 -13.39
N TYR B 157 16.57 -9.73 -14.18
CA TYR B 157 16.09 -9.88 -15.55
C TYR B 157 16.98 -10.83 -16.38
N ASP B 158 16.33 -11.72 -17.12
CA ASP B 158 17.03 -12.76 -17.86
C ASP B 158 17.12 -12.39 -19.34
N TYR B 159 18.24 -11.79 -19.74
CA TYR B 159 18.45 -11.37 -21.12
C TYR B 159 18.48 -12.51 -22.14
N PRO B 160 19.23 -13.60 -21.86
CA PRO B 160 19.24 -14.67 -22.87
C PRO B 160 17.88 -15.34 -23.09
N LYS B 161 17.05 -15.39 -22.05
CA LYS B 161 15.73 -15.99 -22.11
C LYS B 161 14.87 -15.37 -23.21
N TYR B 162 14.96 -14.05 -23.36
CA TYR B 162 14.11 -13.32 -24.31
C TYR B 162 14.87 -12.84 -25.54
N GLN B 163 16.11 -13.29 -25.71
CA GLN B 163 16.99 -12.75 -26.75
C GLN B 163 16.49 -12.95 -28.19
N LYS B 164 16.22 -14.19 -28.58
CA LYS B 164 15.86 -14.48 -29.97
C LYS B 164 14.48 -13.91 -30.34
N GLU B 165 13.56 -13.97 -29.38
CA GLU B 165 12.23 -13.37 -29.56
C GLU B 165 12.38 -11.88 -29.84
N SER B 166 13.21 -11.22 -29.03
CA SER B 166 13.52 -9.81 -29.21
C SER B 166 14.26 -9.62 -30.53
N LYS B 167 15.21 -10.50 -30.80
CA LYS B 167 16.00 -10.48 -32.02
C LYS B 167 15.12 -10.49 -33.26
N LEU B 168 14.17 -11.44 -33.30
CA LEU B 168 13.25 -11.57 -34.41
C LEU B 168 12.40 -10.31 -34.60
N ASN B 169 11.78 -9.86 -33.52
CA ASN B 169 10.91 -8.68 -33.54
C ASN B 169 11.65 -7.38 -33.85
N ARG B 170 12.89 -7.27 -33.40
CA ARG B 170 13.66 -6.05 -33.65
C ARG B 170 14.04 -5.91 -35.12
N GLN B 171 14.54 -6.99 -35.72
CA GLN B 171 15.00 -6.93 -37.11
C GLN B 171 14.07 -7.72 -38.03
N ASP C 1 -24.32 -67.36 -74.77
CA ASP C 1 -24.51 -65.94 -74.51
C ASP C 1 -25.35 -65.72 -73.24
N LYS C 2 -24.80 -64.95 -72.31
CA LYS C 2 -25.39 -64.81 -70.98
C LYS C 2 -25.35 -63.38 -70.45
N ILE C 3 -26.31 -63.04 -69.62
CA ILE C 3 -26.24 -61.82 -68.81
C ILE C 3 -26.69 -62.17 -67.40
N CYS C 4 -25.96 -61.66 -66.41
CA CYS C 4 -26.26 -61.94 -65.02
C CYS C 4 -26.48 -60.65 -64.25
N ILE C 5 -27.33 -60.68 -63.23
CA ILE C 5 -27.52 -59.53 -62.36
C ILE C 5 -26.83 -59.82 -61.04
N GLY C 6 -26.13 -58.84 -60.50
CA GLY C 6 -25.38 -59.03 -59.27
C GLY C 6 -25.01 -57.77 -58.54
N TYR C 7 -24.18 -57.91 -57.51
CA TYR C 7 -23.88 -56.80 -56.62
C TYR C 7 -22.41 -56.73 -56.21
N HIS C 8 -22.00 -55.55 -55.75
CA HIS C 8 -20.62 -55.24 -55.42
C HIS C 8 -20.06 -56.05 -54.25
N ALA C 9 -18.80 -56.45 -54.39
CA ALA C 9 -18.02 -57.01 -53.29
C ALA C 9 -16.63 -56.39 -53.28
N ASN C 10 -15.99 -56.36 -52.12
CA ASN C 10 -14.63 -55.80 -52.01
C ASN C 10 -13.83 -56.49 -50.92
N ASN C 11 -12.69 -55.91 -50.54
CA ASN C 11 -11.80 -56.59 -49.59
C ASN C 11 -11.99 -56.05 -48.17
N SER C 12 -13.12 -55.38 -47.94
CA SER C 12 -13.46 -54.84 -46.63
C SER C 12 -13.69 -55.93 -45.58
N THR C 13 -13.17 -55.69 -44.37
CA THR C 13 -13.44 -56.54 -43.23
C THR C 13 -14.19 -55.75 -42.15
N THR C 14 -14.54 -54.51 -42.47
CA THR C 14 -15.24 -53.64 -41.54
C THR C 14 -16.67 -54.14 -41.30
N GLN C 15 -17.07 -54.20 -40.04
CA GLN C 15 -18.35 -54.80 -39.68
C GLN C 15 -19.30 -53.80 -39.03
N VAL C 16 -20.59 -54.08 -39.11
CA VAL C 16 -21.62 -53.30 -38.43
C VAL C 16 -22.54 -54.25 -37.67
N ASP C 17 -23.35 -53.69 -36.79
CA ASP C 17 -24.38 -54.47 -36.12
C ASP C 17 -25.75 -53.98 -36.55
N THR C 18 -26.72 -54.89 -36.56
CA THR C 18 -28.10 -54.55 -36.84
C THR C 18 -28.96 -55.11 -35.72
N LEU C 19 -30.23 -54.72 -35.68
CA LEU C 19 -31.16 -55.30 -34.71
C LEU C 19 -31.22 -56.82 -34.85
N LEU C 20 -31.14 -57.30 -36.09
CA LEU C 20 -31.26 -58.73 -36.37
C LEU C 20 -29.95 -59.51 -36.28
N GLU C 21 -28.83 -58.84 -36.49
CA GLU C 21 -27.56 -59.54 -36.61
C GLU C 21 -26.36 -58.70 -36.18
N LYS C 22 -25.41 -59.33 -35.50
CA LYS C 22 -24.19 -58.66 -35.08
C LYS C 22 -23.04 -59.02 -36.01
N ASN C 23 -22.03 -58.14 -36.04
CA ASN C 23 -20.79 -58.37 -36.80
C ASN C 23 -21.06 -58.71 -38.27
N VAL C 24 -21.80 -57.84 -38.95
CA VAL C 24 -22.06 -58.01 -40.38
C VAL C 24 -21.05 -57.20 -41.18
N THR C 25 -20.24 -57.88 -41.98
CA THR C 25 -19.25 -57.22 -42.82
C THR C 25 -19.93 -56.52 -44.00
N VAL C 26 -19.65 -55.24 -44.19
CA VAL C 26 -20.28 -54.47 -45.25
C VAL C 26 -19.21 -53.81 -46.13
N THR C 27 -19.58 -53.55 -47.39
CA THR C 27 -18.64 -53.00 -48.36
C THR C 27 -18.26 -51.55 -48.07
N HIS C 28 -19.21 -50.79 -47.53
CA HIS C 28 -18.96 -49.39 -47.21
C HIS C 28 -19.70 -49.01 -45.93
N SER C 29 -19.04 -48.19 -45.10
CA SER C 29 -19.62 -47.75 -43.84
C SER C 29 -18.96 -46.46 -43.35
N VAL C 30 -19.62 -45.78 -42.42
CA VAL C 30 -19.10 -44.54 -41.88
C VAL C 30 -19.16 -44.55 -40.35
N GLU C 31 -18.05 -44.20 -39.72
CA GLU C 31 -17.99 -44.11 -38.27
C GLU C 31 -18.41 -42.71 -37.80
N LEU C 32 -19.45 -42.66 -36.98
CA LEU C 32 -20.00 -41.37 -36.55
C LEU C 32 -19.43 -40.90 -35.20
N LEU C 33 -18.76 -41.79 -34.49
CA LEU C 33 -18.25 -41.46 -33.16
C LEU C 33 -16.74 -41.21 -33.14
N GLU C 34 -16.34 -40.16 -32.43
CA GLU C 34 -14.94 -39.80 -32.27
C GLU C 34 -14.43 -40.20 -30.88
N ASN C 35 -13.42 -41.06 -30.85
CA ASN C 35 -12.82 -41.46 -29.57
C ASN C 35 -11.40 -40.92 -29.35
N GLN C 36 -10.92 -40.08 -30.27
CA GLN C 36 -9.54 -39.58 -30.19
C GLN C 36 -9.47 -38.13 -29.72
N LYS C 37 -8.46 -37.84 -28.91
CA LYS C 37 -8.27 -36.51 -28.33
C LYS C 37 -6.81 -36.09 -28.34
N GLU C 38 -6.57 -34.79 -28.42
CA GLU C 38 -5.23 -34.25 -28.18
C GLU C 38 -5.15 -33.82 -26.72
N LYS C 39 -4.31 -34.48 -25.94
CA LYS C 39 -4.29 -34.25 -24.49
C LYS C 39 -3.54 -32.97 -24.15
N ARG C 40 -4.26 -31.85 -24.28
CA ARG C 40 -3.69 -30.52 -24.09
C ARG C 40 -4.79 -29.48 -24.25
N PHE C 41 -4.51 -28.25 -23.83
CA PHE C 41 -5.44 -27.15 -24.03
C PHE C 41 -4.93 -26.22 -25.11
N CYS C 42 -5.82 -25.83 -26.01
CA CYS C 42 -5.45 -24.93 -27.11
C CYS C 42 -6.30 -23.67 -27.04
N LYS C 43 -6.09 -22.76 -27.99
CA LYS C 43 -6.87 -21.54 -28.05
C LYS C 43 -8.24 -21.79 -28.68
N ILE C 44 -9.23 -20.99 -28.26
CA ILE C 44 -10.58 -21.08 -28.79
C ILE C 44 -10.96 -19.75 -29.44
N MET C 45 -11.19 -19.80 -30.75
CA MET C 45 -11.44 -18.61 -31.56
C MET C 45 -10.25 -17.66 -31.46
N ASN C 46 -9.06 -18.24 -31.56
CA ASN C 46 -7.79 -17.52 -31.46
C ASN C 46 -7.65 -16.74 -30.17
N LYS C 47 -8.36 -17.18 -29.13
CA LYS C 47 -8.21 -16.58 -27.81
C LYS C 47 -7.66 -17.62 -26.82
N ALA C 48 -6.61 -17.25 -26.12
CA ALA C 48 -5.91 -18.16 -25.21
C ALA C 48 -6.68 -18.31 -23.89
N PRO C 49 -6.58 -19.50 -23.28
CA PRO C 49 -7.14 -19.72 -21.94
C PRO C 49 -6.33 -19.01 -20.86
N LEU C 50 -6.92 -18.89 -19.67
CA LEU C 50 -6.20 -18.32 -18.53
C LEU C 50 -5.73 -19.42 -17.59
N ASP C 51 -4.42 -19.56 -17.47
CA ASP C 51 -3.83 -20.54 -16.56
C ASP C 51 -3.66 -19.92 -15.17
N LEU C 52 -4.33 -20.48 -14.18
CA LEU C 52 -4.24 -19.98 -12.81
C LEU C 52 -3.01 -20.53 -12.12
N LYS C 53 -2.41 -21.55 -12.73
CA LYS C 53 -1.18 -22.18 -12.24
C LYS C 53 -1.28 -22.63 -10.78
N ASP C 54 -0.47 -22.02 -9.92
CA ASP C 54 -0.39 -22.45 -8.52
C ASP C 54 -1.39 -21.68 -7.66
N CYS C 55 -2.21 -20.86 -8.30
CA CYS C 55 -3.27 -20.15 -7.59
C CYS C 55 -4.64 -20.72 -7.91
N THR C 56 -5.52 -20.73 -6.91
CA THR C 56 -6.91 -21.12 -7.12
C THR C 56 -7.71 -19.90 -7.53
N ILE C 57 -8.99 -20.11 -7.84
CA ILE C 57 -9.87 -19.00 -8.21
C ILE C 57 -9.90 -17.95 -7.10
N GLU C 58 -10.05 -18.39 -5.85
CA GLU C 58 -10.09 -17.44 -4.72
C GLU C 58 -8.80 -16.64 -4.64
N GLY C 59 -7.67 -17.32 -4.68
CA GLY C 59 -6.37 -16.67 -4.63
C GLY C 59 -6.17 -15.64 -5.71
N TRP C 60 -6.75 -15.89 -6.88
CA TRP C 60 -6.59 -15.02 -8.04
C TRP C 60 -7.36 -13.71 -7.89
N ILE C 61 -8.68 -13.77 -7.67
CA ILE C 61 -9.48 -12.55 -7.69
C ILE C 61 -9.48 -11.84 -6.34
N LEU C 62 -9.05 -12.53 -5.28
CA LEU C 62 -8.87 -11.86 -3.99
C LEU C 62 -7.54 -11.11 -3.98
N GLY C 63 -6.63 -11.52 -4.85
CA GLY C 63 -5.31 -10.93 -4.92
C GLY C 63 -4.34 -11.44 -3.88
N ASN C 64 -4.33 -12.76 -3.69
CA ASN C 64 -3.34 -13.42 -2.84
C ASN C 64 -1.94 -12.98 -3.27
N PRO C 65 -1.12 -12.53 -2.30
CA PRO C 65 0.19 -11.94 -2.55
C PRO C 65 1.13 -12.81 -3.39
N LYS C 66 0.84 -14.10 -3.48
CA LYS C 66 1.66 -15.01 -4.26
C LYS C 66 1.08 -15.21 -5.67
N CYS C 67 0.02 -14.48 -5.97
CA CYS C 67 -0.64 -14.59 -7.28
C CYS C 67 -0.42 -13.36 -8.15
N ASP C 68 0.62 -12.58 -7.83
CA ASP C 68 0.92 -11.35 -8.57
C ASP C 68 1.16 -11.58 -10.05
N LEU C 69 1.54 -12.80 -10.42
CA LEU C 69 1.69 -13.16 -11.83
C LEU C 69 0.36 -12.98 -12.57
N LEU C 70 -0.73 -13.30 -11.89
CA LEU C 70 -2.07 -13.20 -12.48
C LEU C 70 -2.65 -11.80 -12.31
N LEU C 71 -2.08 -11.03 -11.39
CA LEU C 71 -2.64 -9.75 -10.98
C LEU C 71 -2.83 -8.76 -12.13
N GLY C 72 -3.98 -8.09 -12.14
CA GLY C 72 -4.30 -7.13 -13.18
C GLY C 72 -5.33 -7.59 -14.20
N ASP C 73 -5.23 -7.04 -15.42
CA ASP C 73 -6.18 -7.35 -16.49
C ASP C 73 -6.00 -8.76 -17.03
N GLN C 74 -7.11 -9.43 -17.31
CA GLN C 74 -7.07 -10.74 -17.97
C GLN C 74 -8.17 -10.87 -19.02
N SER C 75 -7.84 -11.54 -20.11
CA SER C 75 -8.82 -11.98 -21.10
C SER C 75 -8.67 -13.49 -21.28
N TRP C 76 -9.79 -14.19 -21.42
CA TRP C 76 -9.71 -15.65 -21.55
C TRP C 76 -10.88 -16.23 -22.32
N SER C 77 -10.60 -17.29 -23.08
CA SER C 77 -11.63 -18.07 -23.74
C SER C 77 -12.22 -19.06 -22.74
N TYR C 78 -11.38 -19.49 -21.80
CA TYR C 78 -11.82 -20.31 -20.68
C TYR C 78 -10.74 -20.33 -19.60
N ILE C 79 -11.06 -20.91 -18.45
CA ILE C 79 -10.15 -20.89 -17.31
C ILE C 79 -9.68 -22.29 -16.96
N VAL C 80 -8.36 -22.44 -16.78
CA VAL C 80 -7.79 -23.70 -16.34
C VAL C 80 -7.29 -23.56 -14.90
N GLU C 81 -7.86 -24.35 -14.00
CA GLU C 81 -7.43 -24.36 -12.62
C GLU C 81 -6.72 -25.66 -12.30
N ARG C 82 -5.52 -25.58 -11.72
CA ARG C 82 -4.75 -26.76 -11.41
C ARG C 82 -5.21 -27.38 -10.11
N PRO C 83 -5.37 -28.71 -10.09
CA PRO C 83 -5.92 -29.47 -8.94
C PRO C 83 -5.13 -29.33 -7.64
N ASN C 84 -3.82 -29.13 -7.73
CA ASN C 84 -2.99 -29.07 -6.53
C ASN C 84 -2.60 -27.64 -6.16
N ALA C 85 -3.26 -26.67 -6.78
CA ALA C 85 -2.94 -25.25 -6.58
C ALA C 85 -2.96 -24.86 -5.10
N GLN C 86 -1.87 -24.27 -4.64
CA GLN C 86 -1.66 -24.05 -3.21
C GLN C 86 -2.09 -22.68 -2.72
N ASN C 87 -2.16 -21.70 -3.62
CA ASN C 87 -2.38 -20.32 -3.20
C ASN C 87 -3.83 -19.89 -3.31
N GLY C 88 -4.59 -20.12 -2.24
CA GLY C 88 -5.98 -19.72 -2.17
C GLY C 88 -6.21 -18.67 -1.12
N ILE C 89 -7.20 -18.88 -0.26
CA ILE C 89 -7.42 -18.01 0.88
C ILE C 89 -6.32 -18.28 1.91
N CYS C 90 -5.45 -17.30 2.12
CA CYS C 90 -4.30 -17.50 3.00
C CYS C 90 -4.64 -17.26 4.46
N TYR C 91 -5.34 -16.16 4.74
CA TYR C 91 -5.83 -15.92 6.10
C TYR C 91 -7.18 -16.61 6.24
N PRO C 92 -7.25 -17.60 7.14
CA PRO C 92 -8.38 -18.53 7.26
C PRO C 92 -9.75 -17.85 7.34
N GLY C 93 -10.74 -18.46 6.72
CA GLY C 93 -12.09 -17.92 6.69
C GLY C 93 -12.89 -18.38 5.49
N VAL C 94 -14.16 -18.01 5.46
CA VAL C 94 -15.06 -18.46 4.40
C VAL C 94 -15.34 -17.34 3.40
N LEU C 95 -15.15 -17.64 2.12
CA LEU C 95 -15.61 -16.75 1.06
C LEU C 95 -17.05 -17.11 0.75
N ASN C 96 -17.97 -16.21 1.11
CA ASN C 96 -19.39 -16.52 1.09
C ASN C 96 -19.95 -16.53 -0.33
N GLU C 97 -20.88 -17.45 -0.57
CA GLU C 97 -21.43 -17.70 -1.90
C GLU C 97 -20.31 -18.00 -2.88
N LEU C 98 -19.42 -18.90 -2.46
CA LEU C 98 -18.26 -19.29 -3.26
C LEU C 98 -18.66 -19.94 -4.59
N GLU C 99 -19.68 -20.79 -4.55
CA GLU C 99 -20.10 -21.52 -5.73
C GLU C 99 -20.78 -20.60 -6.75
N GLU C 100 -21.53 -19.64 -6.25
CA GLU C 100 -22.14 -18.63 -7.10
C GLU C 100 -21.09 -17.69 -7.71
N LEU C 101 -20.05 -17.40 -6.93
CA LEU C 101 -18.95 -16.56 -7.41
C LEU C 101 -18.20 -17.24 -8.56
N LYS C 102 -17.94 -18.54 -8.41
CA LYS C 102 -17.25 -19.30 -9.43
C LYS C 102 -18.07 -19.38 -10.72
N ALA C 103 -19.37 -19.56 -10.58
CA ALA C 103 -20.28 -19.62 -11.72
C ALA C 103 -20.30 -18.29 -12.45
N PHE C 104 -20.27 -17.20 -11.67
CA PHE C 104 -20.29 -15.85 -12.23
C PHE C 104 -19.00 -15.58 -13.02
N ILE C 105 -17.86 -15.83 -12.38
CA ILE C 105 -16.56 -15.62 -13.01
C ILE C 105 -16.46 -16.42 -14.30
N GLY C 106 -16.96 -17.65 -14.27
CA GLY C 106 -16.98 -18.50 -15.44
C GLY C 106 -17.74 -17.92 -16.61
N SER C 107 -18.73 -17.07 -16.33
CA SER C 107 -19.56 -16.47 -17.37
C SER C 107 -18.92 -15.21 -17.97
N GLY C 108 -17.68 -14.93 -17.58
CA GLY C 108 -16.97 -13.78 -18.11
C GLY C 108 -15.89 -14.14 -19.09
N GLU C 109 -15.45 -13.16 -19.87
CA GLU C 109 -14.34 -13.37 -20.79
C GLU C 109 -13.17 -12.41 -20.55
N ARG C 110 -13.39 -11.38 -19.72
CA ARG C 110 -12.38 -10.37 -19.45
C ARG C 110 -12.61 -9.65 -18.11
N VAL C 111 -11.52 -9.39 -17.40
CA VAL C 111 -11.56 -8.56 -16.21
C VAL C 111 -10.56 -7.43 -16.35
N GLU C 112 -10.95 -6.25 -15.87
CA GLU C 112 -10.06 -5.08 -15.85
C GLU C 112 -9.95 -4.56 -14.45
N ARG C 113 -8.76 -4.66 -13.88
CA ARG C 113 -8.50 -4.26 -12.51
C ARG C 113 -8.29 -2.76 -12.38
N PHE C 114 -9.01 -2.15 -11.45
CA PHE C 114 -8.87 -0.72 -11.16
C PHE C 114 -8.93 -0.50 -9.65
N GLU C 115 -8.55 0.69 -9.20
CA GLU C 115 -8.62 1.01 -7.78
C GLU C 115 -9.98 1.62 -7.47
N MET C 116 -10.76 0.91 -6.66
CA MET C 116 -12.13 1.32 -6.36
C MET C 116 -12.17 2.27 -5.17
N PHE C 117 -11.44 1.92 -4.12
CA PHE C 117 -11.32 2.76 -2.93
C PHE C 117 -9.87 2.94 -2.54
N PRO C 118 -9.29 4.09 -2.87
CA PRO C 118 -7.92 4.38 -2.42
C PRO C 118 -7.87 4.50 -0.90
N LYS C 119 -6.72 4.23 -0.30
CA LYS C 119 -6.59 4.23 1.16
C LYS C 119 -6.94 5.59 1.77
N SER C 120 -6.89 6.63 0.95
CA SER C 120 -7.32 7.97 1.33
C SER C 120 -8.79 8.00 1.80
N THR C 121 -9.55 6.98 1.39
CA THR C 121 -10.98 6.91 1.68
C THR C 121 -11.27 6.83 3.18
N TRP C 122 -10.34 6.24 3.93
CA TRP C 122 -10.58 5.97 5.35
C TRP C 122 -9.84 6.99 6.22
N ALA C 123 -10.59 7.98 6.70
CA ALA C 123 -10.03 9.23 7.22
C ALA C 123 -9.24 9.09 8.53
N GLY C 124 -9.90 8.63 9.59
CA GLY C 124 -9.31 8.67 10.92
C GLY C 124 -8.73 7.37 11.41
N VAL C 125 -8.19 6.57 10.51
CA VAL C 125 -7.79 5.22 10.87
C VAL C 125 -6.53 4.81 10.08
N ASP C 126 -5.94 3.66 10.43
CA ASP C 126 -4.66 3.24 9.84
C ASP C 126 -4.80 2.19 8.73
N THR C 127 -4.25 2.51 7.55
CA THR C 127 -4.20 1.57 6.43
C THR C 127 -2.82 0.98 6.24
N SER C 128 -1.87 1.39 7.07
CA SER C 128 -0.48 0.96 6.96
C SER C 128 -0.17 -0.48 7.39
N ARG C 129 -0.85 -0.98 8.41
CA ARG C 129 -0.43 -2.24 9.05
C ARG C 129 -1.18 -3.53 8.72
N GLY C 130 -1.99 -3.52 7.69
CA GLY C 130 -2.79 -4.69 7.39
C GLY C 130 -2.01 -5.82 6.73
N VAL C 131 -1.17 -6.49 7.51
CA VAL C 131 -0.38 -7.60 6.99
C VAL C 131 -0.45 -8.80 7.95
N THR C 132 -0.10 -9.98 7.46
CA THR C 132 -0.09 -11.19 8.29
C THR C 132 0.83 -12.25 7.69
N ASN C 133 1.46 -13.04 8.57
CA ASN C 133 2.35 -14.11 8.13
C ASN C 133 1.56 -15.30 7.62
N ALA C 134 0.24 -15.25 7.80
CA ALA C 134 -0.65 -16.24 7.20
C ALA C 134 -0.71 -16.00 5.70
N CYS C 135 -0.43 -14.77 5.30
CA CYS C 135 -0.44 -14.39 3.90
C CYS C 135 0.92 -13.86 3.46
N PRO C 136 1.92 -14.75 3.36
CA PRO C 136 3.24 -14.27 2.95
C PRO C 136 3.31 -13.94 1.47
N SER C 137 4.02 -12.86 1.13
CA SER C 137 4.37 -12.59 -0.25
C SER C 137 5.56 -13.49 -0.58
N TYR C 138 5.99 -13.48 -1.83
CA TYR C 138 7.22 -14.20 -2.19
C TYR C 138 8.44 -13.58 -1.51
N THR C 139 8.55 -12.26 -1.56
CA THR C 139 9.74 -11.58 -1.04
C THR C 139 9.65 -11.22 0.45
N ILE C 140 8.44 -11.15 1.01
CA ILE C 140 8.28 -10.77 2.41
C ILE C 140 7.37 -11.75 3.16
N ASP C 141 7.60 -11.87 4.46
CA ASP C 141 6.92 -12.86 5.29
C ASP C 141 5.48 -12.51 5.65
N SER C 142 5.17 -11.22 5.72
CA SER C 142 3.84 -10.80 6.14
C SER C 142 3.25 -9.77 5.19
N SER C 143 2.17 -10.16 4.52
CA SER C 143 1.55 -9.31 3.50
C SER C 143 0.04 -9.48 3.54
N PHE C 144 -0.64 -9.08 2.47
CA PHE C 144 -2.09 -9.17 2.42
C PHE C 144 -2.62 -9.14 0.99
N TYR C 145 -3.89 -9.49 0.84
CA TYR C 145 -4.57 -9.46 -0.45
C TYR C 145 -4.42 -8.10 -1.14
N ARG C 146 -4.06 -8.13 -2.42
CA ARG C 146 -3.80 -6.92 -3.17
C ARG C 146 -5.06 -6.08 -3.37
N ASN C 147 -6.22 -6.74 -3.27
CA ASN C 147 -7.50 -6.08 -3.53
C ASN C 147 -8.21 -5.66 -2.25
N LEU C 148 -7.61 -5.99 -1.11
CA LEU C 148 -8.22 -5.67 0.18
C LEU C 148 -7.26 -4.89 1.07
N VAL C 149 -7.83 -4.16 2.03
CA VAL C 149 -7.04 -3.45 3.03
C VAL C 149 -7.51 -3.82 4.43
N TRP C 150 -6.65 -4.46 5.20
CA TRP C 150 -6.94 -4.76 6.60
C TRP C 150 -6.71 -3.51 7.42
N ILE C 151 -7.78 -2.95 7.97
CA ILE C 151 -7.72 -1.67 8.65
C ILE C 151 -7.73 -1.82 10.17
N VAL C 152 -6.71 -1.26 10.82
CA VAL C 152 -6.63 -1.25 12.28
C VAL C 152 -6.53 0.17 12.80
N LYS C 153 -6.60 0.32 14.12
CA LYS C 153 -6.55 1.63 14.76
C LYS C 153 -5.18 2.29 14.63
N THR C 154 -5.15 3.62 14.64
CA THR C 154 -3.90 4.34 14.77
C THR C 154 -3.34 4.07 16.17
N ASP C 155 -2.03 4.18 16.32
CA ASP C 155 -1.30 3.74 17.52
C ASP C 155 -1.99 4.18 18.82
N SER C 156 -2.44 5.42 18.86
CA SER C 156 -3.23 5.90 19.99
C SER C 156 -4.49 6.62 19.52
N ALA C 157 -5.63 5.96 19.70
CA ALA C 157 -6.93 6.51 19.32
C ALA C 157 -8.05 5.54 19.65
N THR C 158 -9.27 5.96 19.31
CA THR C 158 -10.45 5.09 19.36
C THR C 158 -10.94 4.94 17.92
N TYR C 159 -11.33 3.73 17.54
CA TYR C 159 -11.77 3.48 16.16
C TYR C 159 -13.03 4.28 15.86
N PRO C 160 -12.93 5.22 14.90
CA PRO C 160 -14.06 6.08 14.57
C PRO C 160 -14.94 5.49 13.47
N VAL C 161 -16.02 6.19 13.15
CA VAL C 161 -16.86 5.79 12.03
C VAL C 161 -16.21 6.21 10.73
N ILE C 162 -15.88 5.24 9.89
CA ILE C 162 -15.27 5.55 8.60
C ILE C 162 -16.30 5.34 7.51
N LYS C 163 -16.22 6.15 6.46
CA LYS C 163 -17.19 6.08 5.38
C LYS C 163 -16.52 6.17 4.02
N GLY C 164 -17.09 5.46 3.06
CA GLY C 164 -16.59 5.48 1.70
C GLY C 164 -17.72 5.28 0.70
N THR C 165 -17.54 5.83 -0.50
CA THR C 165 -18.55 5.71 -1.54
C THR C 165 -17.90 5.62 -2.91
N TYR C 166 -18.49 4.78 -3.76
CA TYR C 166 -18.05 4.69 -5.15
C TYR C 166 -19.26 4.66 -6.07
N ASN C 167 -19.27 5.58 -7.02
CA ASN C 167 -20.34 5.64 -8.00
C ASN C 167 -19.89 5.00 -9.32
N ASN C 168 -20.61 3.98 -9.75
CA ASN C 168 -20.28 3.28 -10.98
C ASN C 168 -20.91 4.03 -12.15
N THR C 169 -20.11 4.84 -12.82
CA THR C 169 -20.61 5.72 -13.86
C THR C 169 -20.36 5.10 -15.23
N GLY C 170 -19.74 3.92 -15.23
CA GLY C 170 -19.44 3.20 -16.45
C GLY C 170 -20.54 2.27 -16.95
N THR C 171 -20.26 1.58 -18.05
CA THR C 171 -21.23 0.72 -18.70
C THR C 171 -21.04 -0.74 -18.33
N GLN C 172 -20.05 -1.03 -17.48
CA GLN C 172 -19.74 -2.40 -17.13
C GLN C 172 -20.00 -2.66 -15.65
N PRO C 173 -20.46 -3.87 -15.32
CA PRO C 173 -20.63 -4.26 -13.91
C PRO C 173 -19.29 -4.35 -13.20
N ILE C 174 -19.28 -4.17 -11.88
CA ILE C 174 -18.04 -4.19 -11.13
C ILE C 174 -18.07 -5.28 -10.07
N LEU C 175 -17.15 -6.24 -10.20
CA LEU C 175 -16.96 -7.28 -9.19
C LEU C 175 -16.00 -6.78 -8.12
N TYR C 176 -16.50 -6.66 -6.89
CA TYR C 176 -15.67 -6.19 -5.79
C TYR C 176 -15.78 -7.11 -4.57
N PHE C 177 -14.80 -7.01 -3.67
CA PHE C 177 -14.75 -7.86 -2.49
C PHE C 177 -14.54 -7.05 -1.21
N TRP C 178 -15.03 -7.58 -0.09
CA TRP C 178 -14.77 -7.00 1.22
C TRP C 178 -14.83 -8.08 2.28
N GLY C 179 -14.55 -7.71 3.52
CA GLY C 179 -14.49 -8.70 4.59
C GLY C 179 -14.80 -8.18 5.98
N VAL C 180 -15.06 -9.11 6.89
CA VAL C 180 -15.26 -8.79 8.31
C VAL C 180 -14.33 -9.67 9.14
N HIS C 181 -13.53 -9.04 9.99
CA HIS C 181 -12.58 -9.78 10.81
C HIS C 181 -13.20 -10.24 12.13
N HIS C 182 -12.89 -11.47 12.52
CA HIS C 182 -13.39 -12.04 13.76
C HIS C 182 -12.24 -12.51 14.65
N PRO C 183 -11.76 -11.64 15.55
CA PRO C 183 -10.67 -11.97 16.47
C PRO C 183 -10.99 -13.17 17.37
N LEU C 184 -9.97 -13.92 17.77
CA LEU C 184 -10.18 -15.13 18.58
C LEU C 184 -10.59 -14.81 20.01
N ASP C 185 -10.15 -13.67 20.53
CA ASP C 185 -10.56 -13.24 21.87
C ASP C 185 -10.83 -11.74 21.92
N THR C 186 -11.44 -11.29 23.01
CA THR C 186 -11.82 -9.90 23.17
C THR C 186 -10.59 -8.99 23.28
N THR C 187 -9.47 -9.58 23.69
CA THR C 187 -8.21 -8.84 23.80
C THR C 187 -7.74 -8.35 22.43
N VAL C 188 -7.67 -9.26 21.47
CA VAL C 188 -7.25 -8.92 20.11
C VAL C 188 -8.20 -7.90 19.50
N GLN C 189 -9.49 -8.04 19.80
CA GLN C 189 -10.51 -7.09 19.37
C GLN C 189 -10.18 -5.67 19.83
N ASP C 190 -9.96 -5.53 21.13
CA ASP C 190 -9.68 -4.23 21.74
C ASP C 190 -8.35 -3.69 21.25
N ASN C 191 -7.39 -4.57 21.06
CA ASN C 191 -6.08 -4.17 20.55
C ASN C 191 -6.17 -3.52 19.19
N LEU C 192 -6.91 -4.16 18.27
CA LEU C 192 -6.96 -3.71 16.90
C LEU C 192 -8.02 -2.66 16.60
N TYR C 193 -9.18 -2.85 17.19
CA TYR C 193 -10.33 -2.02 16.85
C TYR C 193 -10.87 -1.23 18.04
N GLY C 194 -10.28 -1.45 19.20
CA GLY C 194 -10.75 -0.77 20.41
C GLY C 194 -11.97 -1.41 21.02
N SER C 195 -12.70 -0.64 21.81
CA SER C 195 -13.83 -1.17 22.58
C SER C 195 -15.16 -0.65 22.04
N GLY C 196 -16.24 -1.33 22.41
CA GLY C 196 -17.57 -0.97 21.95
C GLY C 196 -18.09 -1.89 20.86
N ASP C 197 -19.41 -1.84 20.64
CA ASP C 197 -20.04 -2.64 19.60
C ASP C 197 -19.57 -2.21 18.22
N LYS C 198 -19.13 -3.17 17.42
CA LYS C 198 -18.62 -2.88 16.08
C LYS C 198 -19.54 -3.41 14.99
N TYR C 199 -19.55 -2.72 13.85
CA TYR C 199 -20.40 -3.11 12.73
C TYR C 199 -19.72 -2.85 11.39
N VAL C 200 -20.12 -3.62 10.39
CA VAL C 200 -19.71 -3.34 9.01
C VAL C 200 -20.97 -3.32 8.16
N ARG C 201 -21.33 -2.16 7.64
CA ARG C 201 -22.55 -2.03 6.86
C ARG C 201 -22.29 -1.42 5.49
N MET C 202 -22.80 -2.08 4.46
CA MET C 202 -22.61 -1.64 3.08
C MET C 202 -23.93 -1.76 2.32
N GLY C 203 -24.16 -0.84 1.40
CA GLY C 203 -25.42 -0.81 0.68
C GLY C 203 -25.39 -0.13 -0.66
N THR C 204 -26.28 -0.60 -1.55
CA THR C 204 -26.46 0.01 -2.86
C THR C 204 -27.96 0.20 -3.08
N GLU C 205 -28.33 0.53 -4.31
CA GLU C 205 -29.75 0.62 -4.66
C GLU C 205 -30.45 -0.73 -4.52
N SER C 206 -29.72 -1.80 -4.81
CA SER C 206 -30.30 -3.14 -4.80
C SER C 206 -29.77 -4.08 -3.71
N MET C 207 -28.79 -3.63 -2.93
CA MET C 207 -28.18 -4.50 -1.92
C MET C 207 -28.05 -3.86 -0.54
N ASN C 208 -28.32 -4.64 0.49
CA ASN C 208 -28.04 -4.24 1.86
C ASN C 208 -27.14 -5.29 2.53
N PHE C 209 -26.16 -4.84 3.30
CA PHE C 209 -25.29 -5.74 4.03
C PHE C 209 -24.99 -5.21 5.43
N ALA C 210 -25.07 -6.11 6.42
CA ALA C 210 -24.75 -5.74 7.80
C ALA C 210 -24.18 -6.94 8.55
N LYS C 211 -22.99 -6.78 9.11
CA LYS C 211 -22.36 -7.85 9.87
C LYS C 211 -21.62 -7.31 11.09
N SER C 212 -21.67 -8.07 12.19
CA SER C 212 -20.93 -7.73 13.39
C SER C 212 -19.89 -8.83 13.67
N PRO C 213 -18.77 -8.45 14.30
CA PRO C 213 -17.74 -9.44 14.63
C PRO C 213 -18.23 -10.52 15.59
N GLU C 214 -17.81 -11.76 15.33
CA GLU C 214 -18.17 -12.90 16.17
C GLU C 214 -16.91 -13.46 16.80
N ILE C 215 -16.69 -13.13 18.06
CA ILE C 215 -15.42 -13.42 18.70
C ILE C 215 -15.42 -14.79 19.38
N ALA C 216 -14.47 -15.64 18.97
CA ALA C 216 -14.34 -16.98 19.51
C ALA C 216 -13.04 -17.62 19.00
N ALA C 217 -12.54 -18.60 19.74
CA ALA C 217 -11.28 -19.25 19.38
C ALA C 217 -11.54 -20.53 18.60
N ARG C 218 -11.25 -20.47 17.29
CA ARG C 218 -11.46 -21.59 16.39
C ARG C 218 -10.10 -22.25 16.10
N PRO C 219 -10.11 -23.52 15.65
CA PRO C 219 -8.84 -24.23 15.41
C PRO C 219 -7.87 -23.47 14.52
N ALA C 220 -6.58 -23.62 14.78
CA ALA C 220 -5.56 -22.86 14.08
C ALA C 220 -5.38 -23.31 12.63
N VAL C 221 -5.47 -22.34 11.72
CA VAL C 221 -5.21 -22.59 10.30
C VAL C 221 -4.24 -21.52 9.81
N ASN C 222 -3.13 -21.97 9.23
CA ASN C 222 -2.02 -21.08 8.86
C ASN C 222 -1.59 -20.23 10.05
N GLY C 223 -1.56 -20.85 11.23
CA GLY C 223 -1.13 -20.17 12.44
C GLY C 223 -2.12 -19.17 12.99
N GLN C 224 -3.37 -19.25 12.54
CA GLN C 224 -4.37 -18.28 12.97
C GLN C 224 -5.61 -18.96 13.55
N ARG C 225 -6.02 -18.52 14.74
CA ARG C 225 -7.24 -19.02 15.36
C ARG C 225 -8.37 -18.02 15.16
N SER C 226 -8.05 -16.90 14.51
CA SER C 226 -9.06 -15.92 14.12
C SER C 226 -9.56 -16.23 12.71
N ARG C 227 -10.55 -15.48 12.25
CA ARG C 227 -11.14 -15.71 10.94
C ARG C 227 -11.51 -14.41 10.25
N ILE C 228 -11.61 -14.46 8.92
CA ILE C 228 -12.18 -13.39 8.14
C ILE C 228 -13.37 -13.93 7.35
N ASP C 229 -14.49 -13.22 7.39
CA ASP C 229 -15.60 -13.54 6.51
C ASP C 229 -15.47 -12.71 5.24
N TYR C 230 -15.10 -13.38 4.15
CA TYR C 230 -14.94 -12.70 2.88
C TYR C 230 -16.28 -12.64 2.16
N TYR C 231 -16.53 -11.53 1.49
CA TYR C 231 -17.77 -11.35 0.75
C TYR C 231 -17.48 -10.82 -0.65
N TRP C 232 -18.44 -11.01 -1.56
CA TRP C 232 -18.34 -10.47 -2.90
C TRP C 232 -19.70 -9.96 -3.35
N SER C 233 -19.68 -9.06 -4.33
CA SER C 233 -20.91 -8.55 -4.90
C SER C 233 -20.62 -7.93 -6.26
N VAL C 234 -21.67 -7.54 -6.98
CA VAL C 234 -21.49 -6.94 -8.29
C VAL C 234 -22.21 -5.59 -8.33
N LEU C 235 -21.45 -4.53 -8.53
CA LEU C 235 -22.03 -3.20 -8.61
C LEU C 235 -22.44 -2.93 -10.05
N ARG C 236 -23.74 -2.85 -10.29
CA ARG C 236 -24.28 -2.69 -11.64
C ARG C 236 -23.98 -1.29 -12.16
N PRO C 237 -23.94 -1.12 -13.49
CA PRO C 237 -23.77 0.21 -14.07
C PRO C 237 -24.86 1.18 -13.60
N GLY C 238 -24.44 2.36 -13.14
CA GLY C 238 -25.37 3.34 -12.64
C GLY C 238 -25.59 3.28 -11.14
N GLU C 239 -25.22 2.15 -10.53
CA GLU C 239 -25.39 1.96 -9.10
C GLU C 239 -24.25 2.59 -8.29
N THR C 240 -24.53 2.91 -7.03
CA THR C 240 -23.54 3.48 -6.14
C THR C 240 -23.42 2.62 -4.88
N LEU C 241 -22.19 2.42 -4.41
CA LEU C 241 -21.95 1.68 -3.18
C LEU C 241 -21.58 2.61 -2.02
N ASN C 242 -22.22 2.43 -0.88
CA ASN C 242 -21.86 3.16 0.32
C ASN C 242 -21.29 2.23 1.38
N VAL C 243 -20.08 2.51 1.84
CA VAL C 243 -19.43 1.71 2.87
C VAL C 243 -19.42 2.45 4.20
N GLU C 244 -19.91 1.80 5.26
CA GLU C 244 -19.93 2.40 6.59
C GLU C 244 -19.56 1.39 7.67
N SER C 245 -18.49 1.67 8.41
CA SER C 245 -18.04 0.79 9.48
C SER C 245 -17.34 1.55 10.60
N ASN C 246 -17.47 1.04 11.82
CA ASN C 246 -16.72 1.58 12.96
C ASN C 246 -15.65 0.59 13.43
N GLY C 247 -15.39 -0.43 12.62
CA GLY C 247 -14.33 -1.38 12.94
C GLY C 247 -14.49 -2.74 12.28
N ASN C 248 -13.44 -3.56 12.39
CA ASN C 248 -13.44 -4.94 11.89
C ASN C 248 -13.65 -5.05 10.38
N LEU C 249 -13.36 -3.98 9.65
CA LEU C 249 -13.59 -3.96 8.21
C LEU C 249 -12.35 -4.30 7.40
N ILE C 250 -12.44 -5.35 6.60
CA ILE C 250 -11.48 -5.58 5.52
C ILE C 250 -12.05 -4.88 4.30
N ALA C 251 -11.49 -3.74 3.96
CA ALA C 251 -12.11 -2.83 3.01
C ALA C 251 -11.79 -3.19 1.55
N PRO C 252 -12.74 -2.91 0.64
CA PRO C 252 -12.47 -3.04 -0.79
C PRO C 252 -11.45 -2.01 -1.24
N TRP C 253 -10.41 -2.45 -1.93
CA TRP C 253 -9.35 -1.56 -2.37
C TRP C 253 -9.31 -1.52 -3.89
N TYR C 254 -9.00 -2.66 -4.50
CA TYR C 254 -9.11 -2.82 -5.95
C TYR C 254 -10.29 -3.71 -6.29
N ALA C 255 -10.92 -3.43 -7.42
CA ALA C 255 -12.03 -4.23 -7.90
C ALA C 255 -11.84 -4.52 -9.37
N TYR C 256 -12.86 -5.14 -9.97
CA TYR C 256 -12.79 -5.54 -11.36
C TYR C 256 -14.00 -5.08 -12.20
N LYS C 257 -13.74 -4.40 -13.32
CA LYS C 257 -14.78 -4.16 -14.34
C LYS C 257 -15.02 -5.44 -15.12
N PHE C 258 -16.25 -5.93 -15.13
CA PHE C 258 -16.50 -7.29 -15.59
C PHE C 258 -17.16 -7.35 -16.97
N VAL C 259 -16.52 -8.04 -17.90
CA VAL C 259 -17.08 -8.22 -19.22
C VAL C 259 -17.67 -9.62 -19.35
N SER C 260 -19.00 -9.68 -19.38
CA SER C 260 -19.71 -10.95 -19.49
C SER C 260 -19.69 -11.47 -20.93
N THR C 261 -19.56 -12.77 -21.09
CA THR C 261 -19.45 -13.37 -22.40
C THR C 261 -20.80 -13.69 -23.03
N ASN C 262 -20.92 -13.47 -24.33
CA ASN C 262 -22.06 -13.94 -25.10
C ASN C 262 -22.09 -15.47 -25.11
N LYS C 263 -20.93 -16.08 -25.28
CA LYS C 263 -20.81 -17.52 -25.49
C LYS C 263 -20.99 -18.32 -24.20
N LYS C 264 -20.71 -19.62 -24.29
CA LYS C 264 -20.68 -20.49 -23.11
C LYS C 264 -19.36 -20.34 -22.38
N GLY C 265 -19.42 -20.24 -21.06
CA GLY C 265 -18.22 -20.14 -20.25
C GLY C 265 -17.77 -21.48 -19.70
N ALA C 266 -16.48 -21.60 -19.40
CA ALA C 266 -15.96 -22.85 -18.89
C ALA C 266 -14.80 -22.64 -17.92
N VAL C 267 -14.79 -23.46 -16.87
CA VAL C 267 -13.65 -23.55 -15.97
C VAL C 267 -13.22 -25.01 -15.90
N PHE C 268 -12.07 -25.32 -16.48
CA PHE C 268 -11.58 -26.68 -16.51
C PHE C 268 -10.58 -26.89 -15.38
N LYS C 269 -10.83 -27.89 -14.55
CA LYS C 269 -9.89 -28.23 -13.49
C LYS C 269 -9.07 -29.44 -13.94
N SER C 270 -7.83 -29.19 -14.35
CA SER C 270 -7.04 -30.20 -15.03
C SER C 270 -5.54 -29.96 -14.92
N ASP C 271 -4.77 -31.02 -15.12
CA ASP C 271 -3.31 -30.94 -15.11
C ASP C 271 -2.73 -30.88 -16.51
N LEU C 272 -3.61 -30.91 -17.52
CA LEU C 272 -3.17 -30.93 -18.91
C LEU C 272 -2.43 -29.65 -19.30
N PRO C 273 -1.45 -29.76 -20.20
CA PRO C 273 -0.62 -28.62 -20.62
C PRO C 273 -1.33 -27.69 -21.60
N ILE C 274 -1.09 -26.40 -21.46
CA ILE C 274 -1.58 -25.42 -22.42
C ILE C 274 -0.47 -25.12 -23.42
N GLU C 275 -0.72 -25.44 -24.69
CA GLU C 275 0.30 -25.28 -25.72
C GLU C 275 -0.09 -24.21 -26.73
N ASN C 276 0.79 -23.95 -27.68
CA ASN C 276 0.54 -22.94 -28.70
C ASN C 276 -0.17 -23.60 -29.88
N CYS C 277 -1.49 -23.50 -29.90
CA CYS C 277 -2.31 -24.23 -30.87
C CYS C 277 -3.73 -23.69 -30.91
N ASP C 278 -4.43 -23.97 -32.00
CA ASP C 278 -5.82 -23.55 -32.15
C ASP C 278 -6.75 -24.75 -32.13
N ALA C 279 -8.01 -24.51 -31.76
CA ALA C 279 -9.02 -25.55 -31.74
C ALA C 279 -10.41 -24.93 -31.85
N THR C 280 -11.35 -25.68 -32.40
CA THR C 280 -12.74 -25.24 -32.45
C THR C 280 -13.54 -25.93 -31.35
N CYS C 281 -13.00 -27.05 -30.86
CA CYS C 281 -13.63 -27.82 -29.80
C CYS C 281 -12.62 -28.18 -28.71
N GLN C 282 -12.85 -27.67 -27.50
CA GLN C 282 -11.95 -27.94 -26.39
C GLN C 282 -12.65 -28.68 -25.27
N THR C 283 -12.25 -29.92 -25.06
CA THR C 283 -12.75 -30.77 -23.97
C THR C 283 -11.84 -30.65 -22.75
N ILE C 284 -12.40 -30.86 -21.55
CA ILE C 284 -11.66 -30.83 -20.31
C ILE C 284 -10.50 -31.84 -20.32
N THR C 285 -10.65 -32.89 -21.11
CA THR C 285 -9.62 -33.93 -21.20
C THR C 285 -8.84 -33.87 -22.51
N GLY C 286 -9.08 -32.85 -23.33
CA GLY C 286 -8.32 -32.67 -24.54
C GLY C 286 -8.99 -31.98 -25.71
N VAL C 287 -8.27 -31.88 -26.83
CA VAL C 287 -8.78 -31.21 -28.02
C VAL C 287 -9.42 -32.22 -28.97
N LEU C 288 -10.52 -31.83 -29.59
CA LEU C 288 -11.17 -32.66 -30.60
C LEU C 288 -11.07 -32.02 -31.98
N ARG C 289 -10.33 -32.66 -32.88
CA ARG C 289 -10.31 -32.26 -34.29
C ARG C 289 -11.02 -33.30 -35.13
N THR C 290 -12.30 -33.06 -35.42
CA THR C 290 -13.11 -34.08 -36.08
C THR C 290 -14.34 -33.50 -36.78
N ASN C 291 -14.83 -34.23 -37.79
CA ASN C 291 -16.06 -33.90 -38.49
C ASN C 291 -17.19 -34.80 -38.01
N LYS C 292 -16.85 -35.71 -37.10
CA LYS C 292 -17.80 -36.71 -36.62
C LYS C 292 -18.92 -36.11 -35.79
N THR C 293 -20.07 -36.78 -35.80
CA THR C 293 -21.28 -36.28 -35.19
C THR C 293 -21.30 -36.56 -33.69
N PHE C 294 -20.72 -37.70 -33.31
CA PHE C 294 -20.71 -38.13 -31.92
C PHE C 294 -19.31 -38.15 -31.33
N GLN C 295 -19.25 -38.13 -30.01
CA GLN C 295 -17.99 -38.14 -29.28
C GLN C 295 -18.16 -38.85 -27.93
N ASN C 296 -17.16 -39.61 -27.51
CA ASN C 296 -17.24 -40.29 -26.22
C ASN C 296 -16.10 -39.90 -25.28
N VAL C 297 -15.49 -38.74 -25.51
CA VAL C 297 -14.36 -38.29 -24.73
C VAL C 297 -14.77 -37.71 -23.39
N SER C 298 -15.69 -36.73 -23.42
CA SER C 298 -16.19 -36.06 -22.22
C SER C 298 -17.39 -35.17 -22.53
N PRO C 299 -18.35 -35.09 -21.59
CA PRO C 299 -19.50 -34.20 -21.66
C PRO C 299 -19.16 -32.74 -21.33
N LEU C 300 -17.96 -32.49 -20.82
CA LEU C 300 -17.54 -31.14 -20.46
C LEU C 300 -16.64 -30.56 -21.53
N TRP C 301 -17.06 -29.46 -22.14
CA TRP C 301 -16.30 -28.85 -23.21
C TRP C 301 -16.75 -27.43 -23.52
N ILE C 302 -15.98 -26.75 -24.36
CA ILE C 302 -16.30 -25.41 -24.80
C ILE C 302 -16.05 -25.33 -26.31
N GLY C 303 -16.77 -24.46 -27.00
CA GLY C 303 -16.67 -24.38 -28.44
C GLY C 303 -17.64 -25.31 -29.13
N GLU C 304 -17.46 -25.50 -30.44
CA GLU C 304 -18.36 -26.37 -31.20
C GLU C 304 -17.86 -27.82 -31.18
N CYS C 305 -18.53 -28.64 -30.37
CA CYS C 305 -18.10 -30.03 -30.18
C CYS C 305 -19.20 -31.02 -30.61
N PRO C 306 -18.80 -32.26 -30.94
CA PRO C 306 -19.79 -33.31 -31.22
C PRO C 306 -20.56 -33.70 -29.96
N LYS C 307 -21.69 -34.37 -30.14
CA LYS C 307 -22.53 -34.78 -29.02
C LYS C 307 -21.89 -35.92 -28.23
N TYR C 308 -21.87 -35.79 -26.91
CA TYR C 308 -21.29 -36.80 -26.05
C TYR C 308 -22.24 -37.97 -25.79
N VAL C 309 -21.75 -39.18 -25.99
CA VAL C 309 -22.49 -40.40 -25.69
C VAL C 309 -21.56 -41.40 -25.02
N LYS C 310 -22.13 -42.45 -24.44
CA LYS C 310 -21.34 -43.46 -23.74
C LYS C 310 -20.80 -44.53 -24.68
N SER C 311 -21.23 -44.48 -25.93
CA SER C 311 -20.94 -45.54 -26.90
C SER C 311 -19.46 -45.64 -27.25
N GLU C 312 -19.01 -46.86 -27.52
CA GLU C 312 -17.65 -47.10 -28.01
C GLU C 312 -17.58 -46.85 -29.50
N SER C 313 -18.65 -47.20 -30.21
CA SER C 313 -18.69 -47.07 -31.66
C SER C 313 -20.11 -46.87 -32.15
N LEU C 314 -20.26 -45.99 -33.15
CA LEU C 314 -21.54 -45.79 -33.81
C LEU C 314 -21.31 -45.77 -35.32
N ARG C 315 -21.28 -46.96 -35.92
CA ARG C 315 -20.96 -47.08 -37.34
C ARG C 315 -22.20 -47.41 -38.16
N LEU C 316 -22.52 -46.52 -39.08
CA LEU C 316 -23.62 -46.72 -40.02
C LEU C 316 -23.17 -47.47 -41.28
N ALA C 317 -23.92 -48.49 -41.65
CA ALA C 317 -23.72 -49.12 -42.94
C ALA C 317 -24.17 -48.15 -44.03
N THR C 318 -23.39 -48.06 -45.10
CA THR C 318 -23.76 -47.26 -46.25
C THR C 318 -23.81 -48.18 -47.45
N GLY C 319 -22.80 -49.03 -47.56
CA GLY C 319 -22.77 -50.07 -48.57
C GLY C 319 -23.62 -51.26 -48.19
N LEU C 320 -23.47 -52.36 -48.92
CA LEU C 320 -24.27 -53.55 -48.67
C LEU C 320 -23.44 -54.65 -48.03
N ARG C 321 -24.11 -55.76 -47.70
CA ARG C 321 -23.46 -56.93 -47.14
C ARG C 321 -22.35 -57.44 -48.06
N ASN C 322 -21.15 -57.58 -47.51
CA ASN C 322 -19.99 -57.94 -48.31
C ASN C 322 -19.83 -59.46 -48.42
N VAL C 323 -20.12 -60.00 -49.61
CA VAL C 323 -20.03 -61.44 -49.82
C VAL C 323 -19.12 -61.80 -51.01
N PRO C 324 -17.79 -61.66 -50.83
CA PRO C 324 -16.86 -62.01 -51.91
C PRO C 324 -16.78 -63.52 -52.07
N GLN C 325 -16.56 -64.01 -53.29
CA GLN C 325 -16.63 -65.43 -53.56
C GLN C 325 -15.29 -66.11 -53.87
N ILE C 326 -14.26 -65.30 -54.08
CA ILE C 326 -12.90 -65.75 -54.45
C ILE C 326 -12.90 -66.96 -55.38
N GLY D 1 -31.93 -63.00 -46.34
CA GLY D 1 -32.33 -61.62 -46.56
C GLY D 1 -33.82 -61.46 -46.75
N ILE D 2 -34.31 -60.26 -46.45
CA ILE D 2 -35.75 -59.97 -46.48
C ILE D 2 -36.30 -60.04 -47.91
N PHE D 3 -35.50 -59.61 -48.88
CA PHE D 3 -35.93 -59.66 -50.28
C PHE D 3 -35.27 -60.83 -51.02
N GLY D 4 -34.45 -61.59 -50.30
CA GLY D 4 -33.94 -62.86 -50.79
C GLY D 4 -32.94 -62.86 -51.94
N ALA D 5 -32.38 -61.69 -52.26
CA ALA D 5 -31.43 -61.61 -53.38
C ALA D 5 -29.99 -61.65 -52.89
N ILE D 6 -29.57 -60.62 -52.15
CA ILE D 6 -28.22 -60.58 -51.62
C ILE D 6 -28.04 -61.71 -50.61
N ALA D 7 -26.99 -62.50 -50.79
CA ALA D 7 -26.77 -63.73 -50.03
C ALA D 7 -28.01 -64.63 -50.12
N GLY D 8 -28.73 -64.52 -51.23
CA GLY D 8 -29.93 -65.30 -51.48
C GLY D 8 -29.78 -66.17 -52.72
N PHE D 9 -30.73 -66.05 -53.66
CA PHE D 9 -30.65 -66.80 -54.91
C PHE D 9 -29.45 -66.32 -55.75
N ILE D 10 -28.95 -65.14 -55.44
CA ILE D 10 -27.63 -64.71 -55.92
C ILE D 10 -26.66 -64.87 -54.76
N GLU D 11 -25.92 -65.99 -54.78
CA GLU D 11 -25.17 -66.45 -53.62
C GLU D 11 -24.11 -65.47 -53.10
N GLY D 12 -23.47 -64.74 -54.01
CA GLY D 12 -22.39 -63.86 -53.61
C GLY D 12 -22.22 -62.61 -54.45
N GLY D 13 -21.31 -61.74 -54.02
CA GLY D 13 -21.04 -60.52 -54.74
C GLY D 13 -19.91 -60.65 -55.74
N TRP D 14 -19.71 -59.59 -56.52
CA TRP D 14 -18.66 -59.57 -57.53
C TRP D 14 -17.57 -58.58 -57.16
N THR D 15 -16.39 -59.09 -56.79
CA THR D 15 -15.22 -58.26 -56.58
C THR D 15 -14.79 -57.63 -57.89
N GLY D 16 -15.14 -58.28 -59.00
CA GLY D 16 -14.79 -57.81 -60.34
C GLY D 16 -15.54 -56.56 -60.78
N MET D 17 -16.68 -56.29 -60.15
CA MET D 17 -17.45 -55.09 -60.47
C MET D 17 -17.15 -54.00 -59.45
N ILE D 18 -16.30 -53.05 -59.82
CA ILE D 18 -15.77 -52.09 -58.87
C ILE D 18 -16.36 -50.68 -59.03
N ASP D 19 -17.17 -50.46 -60.06
CA ASP D 19 -17.64 -49.11 -60.36
C ASP D 19 -19.07 -48.85 -59.88
N GLY D 20 -19.67 -49.83 -59.21
CA GLY D 20 -21.02 -49.66 -58.71
C GLY D 20 -21.48 -50.70 -57.70
N TRP D 21 -22.56 -50.38 -56.98
CA TRP D 21 -23.15 -51.30 -56.01
C TRP D 21 -23.94 -52.41 -56.67
N TYR D 22 -24.63 -52.12 -57.76
CA TYR D 22 -25.43 -53.11 -58.47
C TYR D 22 -25.07 -53.07 -59.94
N GLY D 23 -25.19 -54.20 -60.63
CA GLY D 23 -24.85 -54.24 -62.04
C GLY D 23 -24.98 -55.57 -62.74
N TYR D 24 -24.21 -55.74 -63.81
CA TYR D 24 -24.35 -56.91 -64.66
C TYR D 24 -23.00 -57.57 -64.97
N HIS D 25 -23.07 -58.85 -65.32
CA HIS D 25 -21.95 -59.54 -65.94
C HIS D 25 -22.49 -60.23 -67.20
N HIS D 26 -21.95 -59.87 -68.36
CA HIS D 26 -22.44 -60.44 -69.61
C HIS D 26 -21.40 -61.33 -70.25
N GLU D 27 -21.88 -62.28 -71.06
CA GLU D 27 -21.01 -63.15 -71.85
C GLU D 27 -21.54 -63.25 -73.26
N ASN D 28 -20.68 -62.95 -74.24
CA ASN D 28 -21.03 -63.16 -75.64
C ASN D 28 -19.77 -63.39 -76.47
N SER D 29 -19.91 -63.34 -77.80
CA SER D 29 -18.81 -63.64 -78.70
C SER D 29 -17.64 -62.67 -78.54
N GLN D 30 -17.93 -61.46 -78.09
CA GLN D 30 -16.89 -60.45 -77.87
C GLN D 30 -16.24 -60.60 -76.51
N GLY D 31 -16.62 -61.64 -75.77
CA GLY D 31 -16.03 -61.88 -74.46
C GLY D 31 -16.97 -61.57 -73.30
N SER D 32 -16.38 -61.36 -72.13
CA SER D 32 -17.15 -61.12 -70.92
C SER D 32 -16.66 -59.89 -70.16
N GLY D 33 -17.54 -59.28 -69.38
CA GLY D 33 -17.17 -58.13 -68.57
C GLY D 33 -18.20 -57.74 -67.52
N TYR D 34 -17.77 -56.91 -66.58
CA TYR D 34 -18.67 -56.38 -65.56
C TYR D 34 -19.10 -54.97 -65.92
N ALA D 35 -20.35 -54.62 -65.59
CA ALA D 35 -20.83 -53.26 -65.78
C ALA D 35 -21.84 -52.91 -64.71
N ALA D 36 -21.62 -51.78 -64.05
CA ALA D 36 -22.54 -51.31 -63.03
C ALA D 36 -23.77 -50.69 -63.67
N ASP D 37 -24.94 -50.95 -63.08
CA ASP D 37 -26.14 -50.23 -63.47
C ASP D 37 -26.07 -48.86 -62.85
N ARG D 38 -25.93 -47.83 -63.69
CA ARG D 38 -25.64 -46.48 -63.22
C ARG D 38 -26.84 -45.84 -62.53
N GLU D 39 -28.04 -46.11 -63.07
CA GLU D 39 -29.26 -45.51 -62.55
C GLU D 39 -29.58 -46.00 -61.13
N SER D 40 -29.58 -47.32 -60.94
CA SER D 40 -29.94 -47.90 -59.65
C SER D 40 -28.88 -47.61 -58.59
N THR D 41 -27.62 -47.61 -59.01
CA THR D 41 -26.52 -47.34 -58.09
C THR D 41 -26.57 -45.89 -57.62
N GLN D 42 -26.83 -44.97 -58.54
CA GLN D 42 -26.84 -43.55 -58.24
C GLN D 42 -28.04 -43.18 -57.37
N LYS D 43 -29.18 -43.80 -57.66
CA LYS D 43 -30.37 -43.60 -56.86
C LYS D 43 -30.14 -44.04 -55.42
N ALA D 44 -29.43 -45.16 -55.25
CA ALA D 44 -29.11 -45.67 -53.93
C ALA D 44 -28.11 -44.78 -53.21
N ILE D 45 -27.11 -44.30 -53.94
CA ILE D 45 -26.09 -43.41 -53.37
C ILE D 45 -26.75 -42.14 -52.84
N ASP D 46 -27.67 -41.58 -53.61
CA ASP D 46 -28.36 -40.36 -53.21
C ASP D 46 -29.21 -40.59 -51.96
N GLY D 47 -29.92 -41.71 -51.94
CA GLY D 47 -30.77 -42.07 -50.82
C GLY D 47 -29.99 -42.29 -49.53
N ILE D 48 -28.95 -43.13 -49.62
CA ILE D 48 -28.11 -43.43 -48.47
C ILE D 48 -27.40 -42.19 -47.97
N THR D 49 -26.92 -41.36 -48.90
CA THR D 49 -26.28 -40.10 -48.54
C THR D 49 -27.27 -39.18 -47.83
N ASN D 50 -28.50 -39.15 -48.33
CA ASN D 50 -29.55 -38.35 -47.73
C ASN D 50 -29.87 -38.84 -46.32
N LYS D 51 -29.89 -40.16 -46.16
CA LYS D 51 -30.16 -40.76 -44.84
C LYS D 51 -29.10 -40.40 -43.82
N VAL D 52 -27.84 -40.55 -44.22
CA VAL D 52 -26.72 -40.23 -43.34
C VAL D 52 -26.75 -38.77 -42.94
N ASN D 53 -26.88 -37.89 -43.93
CA ASN D 53 -26.95 -36.44 -43.68
C ASN D 53 -28.14 -36.07 -42.81
N SER D 54 -29.25 -36.78 -42.97
CA SER D 54 -30.45 -36.52 -42.18
C SER D 54 -30.23 -36.91 -40.73
N ILE D 55 -29.58 -38.05 -40.51
CA ILE D 55 -29.28 -38.52 -39.17
C ILE D 55 -28.33 -37.54 -38.49
N ILE D 56 -27.33 -37.09 -39.23
CA ILE D 56 -26.36 -36.13 -38.73
C ILE D 56 -27.02 -34.81 -38.36
N ASN D 57 -27.96 -34.37 -39.19
CA ASN D 57 -28.67 -33.11 -38.93
C ASN D 57 -29.57 -33.17 -37.70
N LYS D 58 -30.20 -34.32 -37.46
CA LYS D 58 -31.08 -34.47 -36.31
C LYS D 58 -30.29 -34.61 -35.02
N MET D 59 -29.03 -35.04 -35.15
CA MET D 59 -28.14 -35.18 -34.01
C MET D 59 -27.29 -33.92 -33.79
N ASN D 60 -27.68 -32.82 -34.41
CA ASN D 60 -26.85 -31.62 -34.46
C ASN D 60 -27.03 -30.69 -33.27
N THR D 61 -27.71 -31.16 -32.23
CA THR D 61 -27.79 -30.38 -30.99
C THR D 61 -26.99 -31.10 -29.92
N GLN D 62 -26.55 -30.36 -28.91
CA GLN D 62 -25.78 -30.97 -27.82
C GLN D 62 -26.33 -30.57 -26.47
N PHE D 63 -26.43 -31.53 -25.56
CA PHE D 63 -26.70 -31.22 -24.16
C PHE D 63 -25.38 -30.87 -23.51
N GLU D 64 -25.35 -29.78 -22.77
CA GLU D 64 -24.10 -29.30 -22.18
C GLU D 64 -24.08 -29.43 -20.67
N ALA D 65 -23.19 -30.28 -20.17
CA ALA D 65 -22.94 -30.38 -18.74
C ALA D 65 -22.15 -29.16 -18.28
N VAL D 66 -22.22 -28.84 -17.00
CA VAL D 66 -21.54 -27.66 -16.47
C VAL D 66 -20.51 -28.03 -15.42
N ASP D 67 -19.60 -27.09 -15.17
CA ASP D 67 -18.55 -27.27 -14.17
C ASP D 67 -18.97 -26.72 -12.81
N HIS D 68 -20.25 -26.37 -12.67
CA HIS D 68 -20.75 -25.75 -11.46
C HIS D 68 -20.51 -26.61 -10.23
N GLU D 69 -20.23 -25.94 -9.11
CA GLU D 69 -19.92 -26.63 -7.86
C GLU D 69 -21.05 -26.47 -6.86
N PHE D 70 -21.11 -27.39 -5.90
CA PHE D 70 -22.14 -27.36 -4.87
C PHE D 70 -21.53 -27.63 -3.51
N SER D 71 -21.95 -26.85 -2.51
CA SER D 71 -21.40 -26.96 -1.16
C SER D 71 -21.91 -28.21 -0.44
N ASN D 72 -21.48 -28.36 0.82
CA ASN D 72 -21.89 -29.50 1.63
C ASN D 72 -23.38 -29.44 1.96
N LEU D 73 -23.94 -28.24 1.93
CA LEU D 73 -25.36 -28.05 2.23
C LEU D 73 -26.18 -27.92 0.95
N GLU D 74 -25.59 -28.32 -0.16
CA GLU D 74 -26.30 -28.34 -1.45
C GLU D 74 -26.27 -29.73 -2.09
N ARG D 75 -26.30 -30.75 -1.25
CA ARG D 75 -26.29 -32.14 -1.72
C ARG D 75 -27.47 -32.44 -2.64
N ARG D 76 -28.64 -31.89 -2.31
CA ARG D 76 -29.86 -32.17 -3.07
C ARG D 76 -29.82 -31.60 -4.49
N ILE D 77 -29.53 -30.32 -4.63
CA ILE D 77 -29.49 -29.70 -5.96
C ILE D 77 -28.25 -30.19 -6.72
N GLY D 78 -27.20 -30.53 -5.98
CA GLY D 78 -26.02 -31.12 -6.58
C GLY D 78 -26.34 -32.45 -7.22
N ASN D 79 -27.06 -33.30 -6.48
CA ASN D 79 -27.44 -34.61 -6.96
C ASN D 79 -28.52 -34.50 -8.03
N LEU D 80 -29.30 -33.42 -7.95
CA LEU D 80 -30.32 -33.13 -8.96
C LEU D 80 -29.65 -32.88 -10.30
N ASN D 81 -28.59 -32.08 -10.29
CA ASN D 81 -27.84 -31.77 -11.51
C ASN D 81 -27.22 -33.02 -12.11
N LYS D 82 -26.67 -33.88 -11.25
CA LYS D 82 -26.02 -35.10 -11.70
C LYS D 82 -27.01 -36.05 -12.40
N ARG D 83 -28.15 -36.27 -11.76
CA ARG D 83 -29.17 -37.16 -12.31
C ARG D 83 -29.74 -36.64 -13.62
N MET D 84 -29.88 -35.32 -13.72
CA MET D 84 -30.34 -34.70 -14.96
C MET D 84 -29.35 -34.95 -16.09
N GLU D 85 -28.09 -34.62 -15.84
CA GLU D 85 -27.04 -34.74 -16.85
C GLU D 85 -26.86 -36.20 -17.27
N ASP D 86 -26.85 -37.10 -16.29
CA ASP D 86 -26.81 -38.53 -16.58
C ASP D 86 -28.08 -38.97 -17.31
N GLY D 87 -29.19 -38.31 -16.99
CA GLY D 87 -30.46 -38.62 -17.62
C GLY D 87 -30.45 -38.41 -19.12
N PHE D 88 -30.03 -37.23 -19.55
CA PHE D 88 -29.98 -36.92 -20.98
C PHE D 88 -28.88 -37.71 -21.68
N LEU D 89 -27.81 -38.00 -20.96
CA LEU D 89 -26.73 -38.82 -21.49
C LEU D 89 -27.26 -40.21 -21.86
N ASP D 90 -28.08 -40.79 -20.99
CA ASP D 90 -28.67 -42.10 -21.23
C ASP D 90 -29.69 -42.05 -22.36
N VAL D 91 -30.44 -40.96 -22.43
CA VAL D 91 -31.44 -40.80 -23.47
C VAL D 91 -30.77 -40.74 -24.85
N TRP D 92 -29.73 -39.92 -24.97
CA TRP D 92 -29.07 -39.74 -26.26
C TRP D 92 -28.22 -40.94 -26.65
N THR D 93 -27.59 -41.58 -25.68
CA THR D 93 -26.86 -42.81 -25.93
C THR D 93 -27.81 -43.88 -26.48
N TYR D 94 -28.99 -43.95 -25.88
CA TYR D 94 -30.04 -44.86 -26.35
C TYR D 94 -30.47 -44.49 -27.77
N ASN D 95 -30.79 -43.21 -27.98
CA ASN D 95 -31.24 -42.72 -29.27
C ASN D 95 -30.24 -43.05 -30.38
N ALA D 96 -28.96 -42.81 -30.12
CA ALA D 96 -27.92 -43.05 -31.11
C ALA D 96 -27.76 -44.54 -31.41
N GLU D 97 -27.56 -45.34 -30.37
CA GLU D 97 -27.29 -46.76 -30.54
C GLU D 97 -28.45 -47.52 -31.18
N LEU D 98 -29.67 -47.22 -30.74
CA LEU D 98 -30.84 -47.88 -31.31
C LEU D 98 -31.07 -47.47 -32.76
N LEU D 99 -30.90 -46.18 -33.05
CA LEU D 99 -31.09 -45.67 -34.40
C LEU D 99 -30.11 -46.33 -35.37
N VAL D 100 -28.87 -46.49 -34.94
CA VAL D 100 -27.84 -47.10 -35.77
C VAL D 100 -28.20 -48.55 -36.08
N LEU D 101 -28.62 -49.30 -35.06
CA LEU D 101 -28.98 -50.70 -35.24
C LEU D 101 -30.19 -50.84 -36.17
N LEU D 102 -31.15 -49.94 -36.00
CA LEU D 102 -32.38 -49.98 -36.79
C LEU D 102 -32.09 -49.61 -38.25
N GLU D 103 -31.36 -48.53 -38.46
CA GLU D 103 -31.05 -48.07 -39.80
C GLU D 103 -30.13 -49.03 -40.55
N ASN D 104 -29.21 -49.67 -39.84
CA ASN D 104 -28.31 -50.63 -40.47
C ASN D 104 -29.10 -51.82 -41.02
N GLU D 105 -30.08 -52.29 -40.25
CA GLU D 105 -30.94 -53.38 -40.70
C GLU D 105 -31.71 -52.96 -41.95
N ARG D 106 -32.17 -51.71 -41.96
CA ARG D 106 -33.03 -51.22 -43.02
C ARG D 106 -32.22 -50.86 -44.27
N THR D 107 -31.03 -50.33 -44.07
CA THR D 107 -30.12 -50.01 -45.16
C THR D 107 -29.77 -51.26 -45.97
N LEU D 108 -29.43 -52.34 -45.26
CA LEU D 108 -29.07 -53.59 -45.92
C LEU D 108 -30.25 -54.17 -46.69
N ASP D 109 -31.45 -54.05 -46.11
CA ASP D 109 -32.68 -54.48 -46.79
C ASP D 109 -32.89 -53.68 -48.07
N LEU D 110 -32.62 -52.38 -48.01
CA LEU D 110 -32.72 -51.51 -49.17
C LEU D 110 -31.88 -52.01 -50.33
N HIS D 111 -30.63 -52.39 -50.04
CA HIS D 111 -29.72 -52.90 -51.05
C HIS D 111 -30.24 -54.22 -51.61
N ASP D 112 -30.70 -55.09 -50.72
CA ASP D 112 -31.30 -56.36 -51.10
C ASP D 112 -32.45 -56.17 -52.09
N ALA D 113 -33.34 -55.24 -51.76
CA ALA D 113 -34.49 -54.94 -52.60
C ALA D 113 -34.08 -54.40 -53.96
N ASN D 114 -33.04 -53.58 -53.98
CA ASN D 114 -32.57 -52.98 -55.22
C ASN D 114 -31.99 -54.03 -56.17
N VAL D 115 -31.31 -55.02 -55.62
CA VAL D 115 -30.77 -56.11 -56.42
C VAL D 115 -31.92 -56.94 -56.98
N LYS D 116 -32.89 -57.23 -56.12
CA LYS D 116 -34.08 -57.97 -56.49
C LYS D 116 -34.82 -57.26 -57.62
N ASN D 117 -34.97 -55.94 -57.51
CA ASN D 117 -35.72 -55.17 -58.49
C ASN D 117 -34.97 -55.08 -59.82
N LEU D 118 -33.64 -55.03 -59.75
CA LEU D 118 -32.83 -54.99 -60.96
C LEU D 118 -33.00 -56.31 -61.72
N TYR D 119 -32.93 -57.41 -60.98
CA TYR D 119 -33.17 -58.74 -61.54
C TYR D 119 -34.55 -58.84 -62.19
N GLU D 120 -35.59 -58.37 -61.50
CA GLU D 120 -36.95 -58.42 -62.01
C GLU D 120 -37.07 -57.59 -63.27
N LYS D 121 -36.33 -56.50 -63.32
CA LYS D 121 -36.37 -55.58 -64.44
C LYS D 121 -35.84 -56.24 -65.71
N VAL D 122 -34.81 -57.08 -65.55
CA VAL D 122 -34.22 -57.77 -66.69
C VAL D 122 -35.09 -58.94 -67.12
N LYS D 123 -35.53 -59.73 -66.15
CA LYS D 123 -36.45 -60.84 -66.39
C LYS D 123 -37.67 -60.41 -67.20
N SER D 124 -38.18 -59.22 -66.89
CA SER D 124 -39.37 -58.69 -67.55
C SER D 124 -39.18 -58.45 -69.04
N GLN D 125 -38.03 -57.87 -69.42
CA GLN D 125 -37.77 -57.58 -70.83
C GLN D 125 -37.51 -58.84 -71.63
N LEU D 126 -36.70 -59.74 -71.06
CA LEU D 126 -36.23 -60.91 -71.78
C LEU D 126 -37.38 -61.89 -72.05
N ARG D 127 -38.28 -62.02 -71.08
CA ARG D 127 -39.44 -62.90 -71.20
C ARG D 127 -39.00 -64.33 -71.54
N ASP D 128 -39.63 -64.94 -72.54
CA ASP D 128 -39.28 -66.31 -72.91
C ASP D 128 -38.17 -66.39 -73.96
N ASN D 129 -37.58 -65.24 -74.29
CA ASN D 129 -36.42 -65.21 -75.19
C ASN D 129 -35.13 -65.60 -74.48
N ALA D 130 -35.22 -65.84 -73.17
CA ALA D 130 -34.05 -66.25 -72.41
C ALA D 130 -34.39 -67.32 -71.37
N ASN D 131 -33.37 -68.01 -70.88
CA ASN D 131 -33.56 -69.05 -69.87
C ASN D 131 -33.04 -68.58 -68.51
N ASP D 132 -33.92 -68.61 -67.50
CA ASP D 132 -33.57 -68.18 -66.15
C ASP D 132 -32.92 -69.33 -65.39
N LEU D 133 -31.65 -69.17 -65.03
CA LEU D 133 -30.90 -70.24 -64.37
C LEU D 133 -31.12 -70.30 -62.86
N GLY D 134 -31.78 -69.30 -62.31
CA GLY D 134 -32.09 -69.28 -60.89
C GLY D 134 -31.03 -68.64 -60.01
N ASN D 135 -29.88 -68.33 -60.60
CA ASN D 135 -28.78 -67.70 -59.87
C ASN D 135 -28.60 -66.24 -60.29
N GLY D 136 -29.63 -65.69 -60.91
CA GLY D 136 -29.56 -64.31 -61.39
C GLY D 136 -29.02 -64.21 -62.80
N CYS D 137 -28.79 -65.36 -63.44
CA CYS D 137 -28.22 -65.38 -64.78
C CYS D 137 -29.25 -65.82 -65.81
N PHE D 138 -29.20 -65.19 -66.99
CA PHE D 138 -30.10 -65.54 -68.09
C PHE D 138 -29.31 -66.02 -69.30
N GLU D 139 -29.65 -67.20 -69.80
CA GLU D 139 -29.05 -67.72 -71.01
C GLU D 139 -29.97 -67.44 -72.21
N PHE D 140 -29.47 -66.64 -73.15
CA PHE D 140 -30.24 -66.25 -74.32
C PHE D 140 -30.50 -67.42 -75.27
N TRP D 141 -31.67 -67.43 -75.89
CA TRP D 141 -31.98 -68.40 -76.94
C TRP D 141 -31.56 -67.82 -78.29
N HIS D 142 -30.91 -66.66 -78.25
CA HIS D 142 -30.48 -65.98 -79.47
C HIS D 142 -29.14 -65.30 -79.24
N LYS D 143 -28.46 -64.95 -80.34
CA LYS D 143 -27.18 -64.25 -80.23
C LYS D 143 -27.41 -62.80 -79.79
N CYS D 144 -26.80 -62.42 -78.68
CA CYS D 144 -26.95 -61.08 -78.14
C CYS D 144 -25.60 -60.37 -78.12
N ASP D 145 -25.37 -59.49 -79.10
CA ASP D 145 -24.09 -58.81 -79.20
C ASP D 145 -24.01 -57.65 -78.19
N ASN D 146 -22.99 -56.81 -78.34
CA ASN D 146 -22.75 -55.74 -77.38
C ASN D 146 -23.88 -54.72 -77.30
N GLU D 147 -24.49 -54.40 -78.44
CA GLU D 147 -25.58 -53.44 -78.45
C GLU D 147 -26.88 -54.07 -77.96
N CYS D 148 -27.02 -55.37 -78.20
CA CYS D 148 -28.14 -56.13 -77.65
C CYS D 148 -28.04 -56.17 -76.13
N MET D 149 -26.83 -56.46 -75.64
CA MET D 149 -26.55 -56.45 -74.20
C MET D 149 -26.87 -55.10 -73.58
N GLU D 150 -26.36 -54.04 -74.18
CA GLU D 150 -26.53 -52.68 -73.66
C GLU D 150 -28.00 -52.29 -73.62
N SER D 151 -28.80 -52.83 -74.54
CA SER D 151 -30.22 -52.52 -74.60
C SER D 151 -30.96 -53.16 -73.42
N VAL D 152 -30.44 -54.30 -72.97
CA VAL D 152 -30.99 -54.96 -71.79
C VAL D 152 -30.70 -54.11 -70.57
N LYS D 153 -29.47 -53.62 -70.47
CA LYS D 153 -29.02 -52.85 -69.33
C LYS D 153 -29.74 -51.51 -69.20
N ASN D 154 -30.07 -50.89 -70.33
CA ASN D 154 -30.69 -49.57 -70.27
C ASN D 154 -32.19 -49.63 -70.54
N GLY D 155 -32.73 -50.84 -70.57
CA GLY D 155 -34.17 -51.04 -70.59
C GLY D 155 -34.86 -50.99 -71.94
N THR D 156 -34.08 -50.90 -73.02
CA THR D 156 -34.66 -50.76 -74.36
C THR D 156 -34.60 -52.05 -75.17
N TYR D 157 -34.41 -53.18 -74.49
CA TYR D 157 -34.32 -54.48 -75.15
C TYR D 157 -35.53 -54.75 -76.05
N ASP D 158 -35.28 -55.23 -77.25
CA ASP D 158 -36.33 -55.43 -78.26
C ASP D 158 -36.73 -56.90 -78.32
N TYR D 159 -37.77 -57.25 -77.58
CA TYR D 159 -38.26 -58.62 -77.54
C TYR D 159 -38.77 -59.14 -78.89
N PRO D 160 -39.60 -58.36 -79.61
CA PRO D 160 -40.06 -58.89 -80.90
C PRO D 160 -38.95 -59.12 -81.91
N LYS D 161 -37.90 -58.31 -81.86
CA LYS D 161 -36.76 -58.43 -82.77
C LYS D 161 -36.13 -59.82 -82.75
N TYR D 162 -35.99 -60.38 -81.55
CA TYR D 162 -35.31 -61.66 -81.38
C TYR D 162 -36.27 -62.82 -81.09
N GLN D 163 -37.56 -62.56 -81.19
CA GLN D 163 -38.58 -63.53 -80.81
C GLN D 163 -38.50 -64.82 -81.63
N LYS D 164 -38.52 -64.69 -82.96
CA LYS D 164 -38.60 -65.84 -83.85
C LYS D 164 -37.33 -66.70 -83.80
N GLU D 165 -36.19 -66.04 -83.71
CA GLU D 165 -34.92 -66.75 -83.55
C GLU D 165 -34.90 -67.54 -82.25
N SER D 166 -35.32 -66.89 -81.17
CA SER D 166 -35.39 -67.52 -79.85
C SER D 166 -36.38 -68.66 -79.83
N LYS D 167 -37.56 -68.46 -80.41
CA LYS D 167 -38.58 -69.49 -80.47
C LYS D 167 -38.05 -70.76 -81.14
N LEU D 168 -37.39 -70.60 -82.28
CA LEU D 168 -36.85 -71.75 -83.02
C LEU D 168 -35.88 -72.56 -82.15
N ASN D 169 -34.92 -71.88 -81.53
CA ASN D 169 -33.95 -72.55 -80.68
C ASN D 169 -34.64 -73.14 -79.45
N ARG D 170 -35.65 -72.43 -78.96
CA ARG D 170 -36.45 -72.89 -77.82
C ARG D 170 -37.36 -74.06 -78.19
N GLN D 171 -37.98 -73.96 -79.36
CA GLN D 171 -39.03 -74.90 -79.77
C GLN D 171 -38.51 -75.88 -80.80
C1 NAG E . 16.77 71.80 57.22
C2 NAG E . 16.21 70.63 58.04
C3 NAG E . 15.69 69.52 57.12
C4 NAG E . 14.81 70.07 56.01
C5 NAG E . 15.45 71.30 55.35
C6 NAG E . 14.53 71.99 54.37
C7 NAG E . 16.97 69.63 60.15
C8 NAG E . 18.16 69.15 60.94
N2 NAG E . 17.23 70.12 58.93
O3 NAG E . 14.93 68.60 57.94
O4 NAG E . 14.63 69.09 55.00
O5 NAG E . 15.79 72.26 56.35
O6 NAG E . 13.36 72.49 55.01
O7 NAG E . 15.83 69.58 60.61
C1 GAL E . 14.86 67.26 57.44
C2 GAL E . 14.51 66.34 58.65
C3 GAL E . 14.12 64.92 58.20
C4 GAL E . 12.99 65.02 57.19
C5 GAL E . 13.48 65.83 56.01
C6 GAL E . 12.46 66.03 54.89
O2 GAL E . 15.57 66.21 59.58
O3 GAL E . 13.66 64.10 59.31
O4 GAL E . 11.88 65.67 57.79
O5 GAL E . 13.88 67.15 56.41
O6 GAL E . 13.00 66.80 53.84
C1 SIA E . 14.17 62.03 58.17
C2 SIA E . 14.59 63.03 59.23
C3 SIA E . 14.05 62.67 60.61
C4 SIA E . 14.59 61.33 61.07
C5 SIA E . 16.10 61.33 61.00
C6 SIA E . 16.54 61.85 59.64
C7 SIA E . 18.04 61.98 59.57
C8 SIA E . 18.39 62.68 58.28
C9 SIA E . 19.88 62.55 58.06
C10 SIA E . 17.47 59.62 62.15
C11 SIA E . 17.96 60.64 63.14
N5 SIA E . 16.56 59.99 61.11
O1A SIA E . 13.10 61.37 58.32
O1B SIA E . 14.80 61.88 57.10
O4 SIA E . 14.17 61.09 62.40
O6 SIA E . 15.98 63.11 59.42
O7 SIA E . 18.50 62.75 60.66
O8 SIA E . 17.70 62.09 57.19
O9 SIA E . 20.37 63.71 57.42
O10 SIA E . 17.84 58.47 62.20
C1 NAG F . 12.85 -11.04 -8.47
C2 NAG F . 12.90 -12.05 -7.33
C3 NAG F . 12.70 -13.46 -7.85
C4 NAG F . 11.45 -13.55 -8.73
C5 NAG F . 11.42 -12.43 -9.77
C6 NAG F . 10.11 -12.35 -10.51
C7 NAG F . 14.32 -11.14 -5.54
C8 NAG F . 15.69 -11.15 -4.93
N2 NAG F . 14.16 -11.95 -6.60
O3 NAG F . 12.56 -14.34 -6.74
O4 NAG F . 11.48 -14.79 -9.44
O5 NAG F . 11.61 -11.15 -9.14
O6 NAG F . 9.00 -12.34 -9.62
O7 NAG F . 13.42 -10.44 -5.11
C1 NAG F . 10.34 -15.60 -9.17
C2 NAG F . 10.32 -16.73 -10.19
C3 NAG F . 9.12 -17.64 -9.97
C4 NAG F . 9.11 -18.15 -8.53
C5 NAG F . 9.17 -16.97 -7.56
C6 NAG F . 9.28 -17.40 -6.11
C7 NAG F . 11.34 -16.43 -12.41
C8 NAG F . 11.17 -15.82 -13.77
N2 NAG F . 10.33 -16.21 -11.55
O3 NAG F . 9.19 -18.74 -10.87
O4 NAG F . 7.93 -18.90 -8.29
O5 NAG F . 10.32 -16.16 -7.84
O6 NAG F . 10.63 -17.62 -5.74
O7 NAG F . 12.32 -17.10 -12.11
C1 BMA F . 8.27 -20.29 -8.24
C2 BMA F . 7.05 -21.10 -7.77
C3 BMA F . 7.36 -22.60 -7.80
C4 BMA F . 8.02 -23.02 -9.14
C5 BMA F . 9.22 -22.12 -9.45
C6 BMA F . 9.87 -22.42 -10.78
O2 BMA F . 5.94 -20.89 -8.63
O3 BMA F . 6.19 -23.37 -7.54
O4 BMA F . 8.44 -24.37 -9.07
O5 BMA F . 8.76 -20.76 -9.47
O6 BMA F . 8.89 -23.02 -11.62
C1 MAN F . 6.39 -24.20 -6.39
C2 MAN F . 5.00 -24.65 -5.80
C3 MAN F . 4.59 -23.85 -4.54
C4 MAN F . 5.78 -23.62 -3.62
C5 MAN F . 6.82 -22.82 -4.39
C6 MAN F . 7.99 -22.37 -3.54
O2 MAN F . 5.02 -26.03 -5.40
O3 MAN F . 3.53 -24.49 -3.84
O4 MAN F . 5.38 -22.87 -2.48
O5 MAN F . 7.33 -23.68 -5.44
O6 MAN F . 8.64 -21.30 -4.23
C1 MAN F . 8.74 -22.25 -12.81
C2 MAN F . 7.96 -23.09 -13.84
C3 MAN F . 8.60 -22.97 -15.22
C4 MAN F . 8.91 -21.50 -15.53
C5 MAN F . 9.95 -20.96 -14.53
C6 MAN F . 9.72 -19.51 -14.13
O2 MAN F . 6.62 -22.62 -13.99
O3 MAN F . 7.80 -23.55 -16.24
O4 MAN F . 9.41 -21.39 -16.85
O5 MAN F . 9.97 -21.78 -13.31
O6 MAN F . 9.93 -18.69 -15.28
C1 FUC F . 13.57 -15.34 -6.76
C2 FUC F . 13.88 -15.79 -5.29
C3 FUC F . 15.32 -15.44 -4.76
C4 FUC F . 16.42 -15.29 -5.85
C5 FUC F . 15.90 -15.67 -7.23
C6 FUC F . 16.87 -15.30 -8.34
O2 FUC F . 13.59 -17.17 -5.09
O3 FUC F . 15.27 -14.23 -4.00
O4 FUC F . 16.91 -13.96 -5.87
O5 FUC F . 14.70 -14.95 -7.50
C1 GAL G . -2.80 -14.51 25.85
C2 GAL G . -1.63 -14.12 24.89
C3 GAL G . -1.63 -14.94 23.60
C4 GAL G . -1.62 -16.41 23.97
C5 GAL G . -2.84 -16.72 24.82
C6 GAL G . -2.89 -18.17 25.26
O2 GAL G . -1.64 -12.76 24.51
O3 GAL G . -0.45 -14.68 22.83
O4 GAL G . -0.47 -16.66 24.75
O5 GAL G . -2.85 -15.93 26.04
O6 GAL G . -1.60 -18.61 25.66
C1 NAG G . -0.53 -15.40 21.59
C2 NAG G . -0.11 -14.47 20.45
C3 NAG G . -0.14 -15.21 19.11
C4 NAG G . 0.48 -16.61 19.19
C5 NAG G . -0.05 -17.34 20.40
C6 NAG G . 0.55 -18.70 20.61
C7 NAG G . -0.54 -12.05 20.40
C8 NAG G . -1.59 -10.99 20.35
N2 NAG G . -0.98 -13.31 20.40
O3 NAG G . 0.62 -14.42 18.20
O4 NAG G . 0.14 -17.36 18.03
O5 NAG G . 0.24 -16.58 21.56
O6 NAG G . -0.23 -19.43 21.56
O7 NAG G . 0.67 -11.78 20.41
C1 GAL G . 0.08 -14.42 16.90
C2 GAL G . 0.54 -13.07 16.31
C3 GAL G . 0.43 -13.03 14.79
C4 GAL G . 1.14 -14.26 14.22
C5 GAL G . 0.51 -15.51 14.80
C6 GAL G . 1.17 -16.81 14.35
O2 GAL G . -0.22 -11.98 16.83
O3 GAL G . 1.06 -11.85 14.24
O4 GAL G . 2.53 -14.23 14.55
O5 GAL G . 0.63 -15.51 16.20
O6 GAL G . 0.57 -17.94 14.97
C1 SIA G . -0.14 -12.05 12.13
C2 SIA G . -0.07 -11.39 13.49
C3 SIA G . 0.76 -10.12 13.50
C4 SIA G . 0.15 -9.10 12.57
C5 SIA G . -1.30 -8.86 12.93
C6 SIA G . -2.00 -10.20 13.12
C7 SIA G . -3.39 -9.99 13.68
C8 SIA G . -3.93 -11.34 14.11
C9 SIA G . -5.43 -11.23 14.28
C10 SIA G . -2.55 -6.93 12.03
C11 SIA G . -2.51 -6.25 13.39
N5 SIA G . -1.95 -8.19 11.85
O1A SIA G . 0.79 -11.86 11.30
O1B SIA G . -1.08 -12.83 11.84
O4 SIA G . 0.88 -7.89 12.70
O6 SIA G . -1.30 -10.98 14.04
O7 SIA G . -3.34 -9.11 14.78
O8 SIA G . -3.63 -12.33 13.15
O9 SIA G . -5.90 -12.32 15.04
O10 SIA G . -3.10 -6.39 11.08
C1 NAG H . -29.65 -48.15 -75.05
C2 NAG H . -29.65 -46.71 -75.57
C3 NAG H . -29.74 -46.69 -77.09
C4 NAG H . -28.81 -47.70 -77.77
C5 NAG H . -28.79 -49.05 -77.04
C6 NAG H . -27.68 -49.95 -77.49
C7 NAG H . -30.63 -45.25 -73.86
C8 NAG H . -31.88 -44.54 -73.41
N2 NAG H . -30.75 -45.97 -74.98
O3 NAG H . -29.35 -45.38 -77.51
O4 NAG H . -29.31 -47.92 -79.08
O5 NAG H . -28.61 -48.85 -75.63
O6 NAG H . -26.42 -49.28 -77.46
O7 NAG H . -29.58 -45.16 -73.25
C1 NAG H . -28.35 -47.75 -80.14
C2 NAG H . -29.05 -48.11 -81.43
C3 NAG H . -28.06 -48.06 -82.59
C4 NAG H . -27.37 -46.71 -82.64
C5 NAG H . -26.80 -46.33 -81.27
C6 NAG H . -26.29 -44.91 -81.22
C7 NAG H . -31.00 -49.60 -81.46
C8 NAG H . -31.49 -51.02 -81.35
N2 NAG H . -29.68 -49.42 -81.36
O3 NAG H . -28.74 -48.31 -83.81
O4 NAG H . -26.31 -46.74 -83.59
O5 NAG H . -27.80 -46.44 -80.24
O6 NAG H . -27.19 -44.01 -81.87
O7 NAG H . -31.77 -48.66 -81.63
C1 BMA H . -26.71 -46.03 -84.77
C2 BMA H . -25.47 -45.57 -85.53
C3 BMA H . -25.91 -44.80 -86.78
C4 BMA H . -26.89 -45.64 -87.62
C5 BMA H . -28.09 -46.03 -86.73
C6 BMA H . -29.16 -46.86 -87.44
O2 BMA H . -24.72 -46.68 -85.99
O3 BMA H . -24.82 -44.34 -87.57
O4 BMA H . -27.35 -44.89 -88.74
O5 BMA H . -27.60 -46.77 -85.59
O6 BMA H . -28.57 -47.66 -88.47
C1 MAN H . -24.95 -42.91 -87.58
C2 MAN H . -24.49 -42.32 -88.93
C3 MAN H . -24.44 -40.79 -88.82
C4 MAN H . -25.25 -40.28 -87.61
C5 MAN H . -24.65 -40.87 -86.31
C6 MAN H . -25.58 -40.74 -85.10
O2 MAN H . -25.43 -42.60 -89.97
O3 MAN H . -24.89 -40.15 -90.01
O4 MAN H . -25.22 -38.87 -87.55
O5 MAN H . -24.35 -42.28 -86.47
O6 MAN H . -25.98 -39.39 -84.99
C1 MAN H . -28.18 -48.94 -87.96
C2 MAN H . -28.18 -50.02 -89.12
C3 MAN H . -29.38 -50.97 -89.05
C4 MAN H . -29.62 -51.43 -87.62
C5 MAN H . -29.98 -50.20 -86.81
C6 MAN H . -30.38 -50.54 -85.38
O2 MAN H . -27.02 -50.84 -89.07
O3 MAN H . -29.22 -52.09 -89.91
O4 MAN H . -30.68 -52.35 -87.57
O5 MAN H . -28.81 -49.34 -86.73
O6 MAN H . -29.19 -50.62 -84.59
C1 FUC H . -30.38 -44.72 -78.24
C2 FUC H . -29.83 -43.37 -78.71
C3 FUC H . -30.89 -42.58 -79.46
C4 FUC H . -32.13 -42.42 -78.58
C5 FUC H . -32.61 -43.80 -78.11
C6 FUC H . -33.74 -43.72 -77.09
O2 FUC H . -28.65 -43.52 -79.50
O3 FUC H . -30.41 -41.26 -79.75
O4 FUC H . -31.82 -41.61 -77.45
O5 FUC H . -31.56 -44.57 -77.49
C1 NAG I . -2.31 18.11 -0.62
C2 NAG I . -2.69 19.45 0.01
C3 NAG I . -4.08 19.37 0.66
C4 NAG I . -4.21 18.11 1.50
C5 NAG I . -3.83 16.87 0.71
C6 NAG I . -4.99 15.91 0.53
C7 NAG I . -0.82 20.87 0.73
C8 NAG I . 0.13 21.19 1.84
N2 NAG I . -1.70 19.88 0.97
O3 NAG I . -5.07 19.38 -0.36
O4 NAG I . -3.37 18.20 2.65
O5 NAG I . -3.42 17.24 -0.61
O6 NAG I . -5.11 15.04 1.64
O7 NAG I . -0.78 21.45 -0.35
C1 NAG J . 9.95 33.49 -3.88
C2 NAG J . 8.67 33.18 -3.18
C3 NAG J . 7.93 34.46 -2.90
C4 NAG J . 8.85 35.51 -2.27
C5 NAG J . 10.33 35.09 -2.08
C6 NAG J . 10.65 34.66 -0.67
C7 NAG J . 7.40 32.50 -5.22
C8 NAG J . 6.57 31.42 -5.83
N2 NAG J . 7.84 32.26 -3.97
O3 NAG J . 6.82 34.21 -2.05
O4 NAG J . 8.79 36.71 -3.02
O5 NAG J . 10.84 34.07 -2.96
O6 NAG J . 9.52 34.05 -0.04
O7 NAG J . 7.67 33.54 -5.82
C1 NAG K . 35.00 30.12 64.83
C2 NAG K . 36.35 30.51 65.45
C3 NAG K . 37.33 29.33 65.38
C4 NAG K . 36.71 28.08 65.99
C5 NAG K . 35.37 27.79 65.33
C6 NAG K . 34.63 26.63 65.95
C7 NAG K . 37.34 32.76 65.45
C8 NAG K . 37.90 33.86 64.60
N2 NAG K . 36.90 31.68 64.78
O3 NAG K . 38.51 29.67 66.08
O4 NAG K . 37.58 26.97 65.82
O5 NAG K . 34.52 28.93 65.45
O6 NAG K . 35.50 25.53 66.19
O7 NAG K . 37.28 32.83 66.67
C1 NAG L . 10.13 17.02 15.97
C2 NAG L . 10.50 15.64 15.44
C3 NAG L . 9.64 15.28 14.24
C4 NAG L . 8.16 15.40 14.59
C5 NAG L . 7.87 16.79 15.15
C6 NAG L . 6.44 16.94 15.64
C7 NAG L . 12.78 14.76 15.68
C8 NAG L . 14.19 14.84 15.19
N2 NAG L . 11.91 15.59 15.09
O3 NAG L . 9.93 13.96 13.82
O4 NAG L . 7.37 15.18 13.44
O5 NAG L . 8.73 17.05 16.27
O6 NAG L . 6.22 16.20 16.84
O7 NAG L . 12.43 13.98 16.56
C1 NAG M . -7.25 -54.12 -49.74
C2 NAG M . -7.30 -52.72 -50.40
C3 NAG M . -6.80 -51.66 -49.42
C4 NAG M . -7.57 -51.76 -48.11
C5 NAG M . -7.30 -53.10 -47.45
C6 NAG M . -8.53 -53.78 -46.92
C7 NAG M . -6.43 -51.66 -52.46
C8 NAG M . -5.54 -51.86 -53.66
N2 NAG M . -6.51 -52.71 -51.62
O3 NAG M . -6.96 -50.36 -49.97
O4 NAG M . -7.17 -50.72 -47.23
O5 NAG M . -6.68 -54.02 -48.38
O6 NAG M . -9.39 -52.84 -46.28
O7 NAG M . -7.05 -50.62 -52.28
C1 NAG N . -17.41 -59.65 -33.29
C2 NAG N . -16.00 -60.16 -33.52
C3 NAG N . -15.26 -60.23 -32.20
C4 NAG N . -15.27 -58.87 -31.53
C5 NAG N . -16.69 -58.33 -31.42
C6 NAG N . -16.74 -56.90 -30.92
C7 NAG N . -15.79 -61.60 -35.50
C8 NAG N . -15.84 -63.00 -36.03
N2 NAG N . -16.01 -61.46 -34.19
O3 NAG N . -13.92 -60.68 -32.41
O4 NAG N . -14.69 -58.96 -30.24
O5 NAG N . -17.35 -58.35 -32.70
O6 NAG N . -16.71 -56.84 -29.50
O7 NAG N . -15.57 -60.63 -36.23
C1 NAG O . -24.09 8.39 -9.51
C2 NAG O . -25.04 9.41 -8.89
C3 NAG O . -26.07 9.86 -9.91
C4 NAG O . -25.38 10.67 -10.99
C5 NAG O . -24.12 9.94 -11.50
C6 NAG O . -22.84 10.66 -11.16
C7 NAG O . -25.18 8.95 -6.48
C8 NAG O . -25.98 8.32 -5.38
N2 NAG O . -25.70 8.85 -7.70
O3 NAG O . -27.06 10.64 -9.27
O4 NAG O . -26.27 10.87 -12.09
O5 NAG O . -24.03 8.60 -10.98
O6 NAG O . -22.55 11.68 -12.11
O7 NAG O . -24.11 9.50 -6.26
C1 NAG P . -16.54 -35.38 -42.62
C2 NAG P . -15.86 -35.75 -43.93
C3 NAG P . -16.65 -35.22 -45.12
C4 NAG P . -18.10 -35.69 -45.05
C5 NAG P . -18.70 -35.29 -43.71
C6 NAG P . -20.11 -35.81 -43.51
C7 NAG P . -13.45 -36.00 -43.54
C8 NAG P . -12.10 -35.34 -43.66
N2 NAG P . -14.49 -35.27 -43.96
O3 NAG P . -16.05 -35.68 -46.33
O4 NAG P . -18.85 -35.12 -46.11
O5 NAG P . -17.91 -35.82 -42.64
O6 NAG P . -20.21 -37.18 -43.88
O7 NAG P . -13.58 -37.14 -43.10
#